data_3EPT
#
_entry.id   3EPT
#
_cell.length_a   63.261
_cell.length_b   78.223
_cell.length_c   123.063
_cell.angle_alpha   90.00
_cell.angle_beta   98.66
_cell.angle_gamma   90.00
#
_symmetry.space_group_name_H-M   'P 1 21 1'
#
loop_
_entity.id
_entity.type
_entity.pdbx_description
1 polymer RebC
2 non-polymer 'SODIUM ION'
3 non-polymer 'DIHYDROFLAVINE-ADENINE DINUCLEOTIDE'
4 water water
#
_entity_poly.entity_id   1
_entity_poly.type   'polypeptide(L)'
_entity_poly.pdbx_seq_one_letter_code
;MGSSHHHHHHSSGLVPRGSHMNAPIETDVLILGGGPVGMALALDLAHRQVGHLVVEQTDGTITHPRVGTIGPRSMELFRR
WGVAKQIRTAGWPGDHPLDAAWVTRVGGHEVYRIPLGTADTRATPEHTPEPDAICPQHWLAPLLAEAVGERLRTRSRLDS
FEQRDDHVRATITDLRTGATRAVHARYLVACDGASSPTRKALGIDAPPRHRTQVFRNILFRAPELRSLLGERAALFFFLM
LSSSLRFPLRALDGRGLYRLTVGVDDASKSTMDSFELVRRAVAFDTEIEVLSDSEWHLTHRVADSFSAGRVFLTGDAAHT
LSPSGGFGMNTGIGSAADLGWKLAATLRGWAGPGLLATYEEERRPVAITSLEEANVNLRRTMDRELPPGLHDDGPRGERI
RAAVAEKLERSGARREFDAPGIHFGHTYRSSIVCGEPETEVATGGWRPSARPGARAPHAWLTPTTSTLDLFGRGFVLLSF
GTTDGVEAVTRAFADRHVPLETVTCHAPEIHALYERAHVLVRPDGHVAWRGDHLPAELGGLVDKVRGAA
;
_entity_poly.pdbx_strand_id   A,B
#
# COMPACT_ATOMS: atom_id res chain seq x y z
N ALA A 23 -8.71 27.05 48.76
CA ALA A 23 -8.57 25.68 49.36
C ALA A 23 -8.80 24.55 48.34
N PRO A 24 -8.15 23.39 48.55
CA PRO A 24 -8.23 22.18 47.71
C PRO A 24 -9.67 21.72 47.43
N ILE A 25 -10.00 21.57 46.16
CA ILE A 25 -11.31 21.07 45.75
C ILE A 25 -11.15 19.57 45.69
N GLU A 26 -11.89 18.84 46.51
CA GLU A 26 -11.77 17.40 46.49
C GLU A 26 -13.03 16.73 46.00
N THR A 27 -12.88 15.92 44.96
CA THR A 27 -14.00 15.20 44.36
C THR A 27 -13.64 13.73 44.21
N ASP A 28 -14.62 12.91 43.88
CA ASP A 28 -14.36 11.49 43.71
C ASP A 28 -13.69 11.21 42.38
N VAL A 29 -14.23 11.76 41.31
CA VAL A 29 -13.63 11.53 40.00
C VAL A 29 -13.43 12.84 39.24
N LEU A 30 -12.18 13.15 38.97
CA LEU A 30 -11.83 14.36 38.22
C LEU A 30 -11.71 13.95 36.76
N ILE A 31 -12.59 14.49 35.91
CA ILE A 31 -12.55 14.17 34.49
C ILE A 31 -11.80 15.23 33.68
N LEU A 32 -10.58 14.89 33.27
CA LEU A 32 -9.76 15.77 32.45
C LEU A 32 -10.24 15.74 31.00
N GLY A 33 -10.95 16.79 30.60
CA GLY A 33 -11.45 16.85 29.23
C GLY A 33 -12.96 17.04 29.12
N GLY A 34 -13.36 17.99 28.27
CA GLY A 34 -14.76 18.28 28.09
C GLY A 34 -15.31 17.82 26.75
N GLY A 35 -14.58 16.95 26.07
CA GLY A 35 -15.05 16.45 24.79
C GLY A 35 -16.26 15.54 24.98
N PRO A 36 -16.85 15.01 23.89
CA PRO A 36 -18.03 14.12 23.99
C PRO A 36 -17.81 12.97 24.96
N VAL A 37 -16.68 12.29 24.82
CA VAL A 37 -16.41 11.16 25.71
C VAL A 37 -16.29 11.63 27.16
N GLY A 38 -15.41 12.60 27.41
CA GLY A 38 -15.26 13.11 28.76
C GLY A 38 -16.58 13.55 29.36
N MET A 39 -17.47 14.02 28.49
CA MET A 39 -18.77 14.47 28.92
C MET A 39 -19.70 13.27 29.13
N ALA A 40 -19.66 12.31 28.20
CA ALA A 40 -20.50 11.12 28.33
C ALA A 40 -20.20 10.48 29.67
N LEU A 41 -18.93 10.45 30.03
CA LEU A 41 -18.50 9.87 31.30
C LEU A 41 -19.19 10.60 32.43
N ALA A 42 -19.10 11.93 32.40
CA ALA A 42 -19.73 12.76 33.43
C ALA A 42 -21.20 12.40 33.54
N LEU A 43 -21.87 12.30 32.38
CA LEU A 43 -23.29 11.94 32.36
C LEU A 43 -23.57 10.62 33.06
N ASP A 44 -22.78 9.59 32.78
CA ASP A 44 -22.96 8.30 33.41
C ASP A 44 -22.75 8.44 34.92
N LEU A 45 -21.57 8.94 35.30
CA LEU A 45 -21.25 9.13 36.71
C LEU A 45 -22.41 9.81 37.40
N ALA A 46 -23.03 10.75 36.71
CA ALA A 46 -24.14 11.47 37.28
C ALA A 46 -25.26 10.51 37.68
N HIS A 47 -25.70 9.67 36.73
CA HIS A 47 -26.77 8.73 37.01
C HIS A 47 -26.41 7.71 38.06
N ARG A 48 -25.13 7.53 38.30
CA ARG A 48 -24.67 6.58 39.30
C ARG A 48 -24.32 7.28 40.59
N GLN A 49 -24.79 8.52 40.74
CA GLN A 49 -24.55 9.30 41.95
C GLN A 49 -23.07 9.39 42.33
N VAL A 50 -22.18 9.46 41.36
CA VAL A 50 -20.76 9.56 41.67
C VAL A 50 -20.26 10.99 41.61
N GLY A 51 -19.61 11.43 42.69
CA GLY A 51 -19.07 12.77 42.73
C GLY A 51 -17.98 12.94 41.68
N HIS A 52 -18.18 13.89 40.77
CA HIS A 52 -17.21 14.15 39.71
C HIS A 52 -17.24 15.63 39.36
N LEU A 53 -16.24 16.05 38.60
CA LEU A 53 -16.11 17.43 38.16
C LEU A 53 -15.38 17.34 36.82
N VAL A 54 -15.75 18.18 35.87
CA VAL A 54 -15.10 18.14 34.56
C VAL A 54 -14.42 19.46 34.21
N VAL A 55 -13.13 19.41 33.88
CA VAL A 55 -12.42 20.63 33.52
C VAL A 55 -12.08 20.62 32.03
N GLU A 56 -12.49 21.69 31.36
CA GLU A 56 -12.26 21.87 29.93
C GLU A 56 -11.55 23.21 29.71
N GLN A 57 -10.37 23.17 29.08
CA GLN A 57 -9.61 24.40 28.86
C GLN A 57 -10.29 25.40 27.96
N THR A 58 -10.76 24.97 26.79
CA THR A 58 -11.44 25.88 25.88
C THR A 58 -12.68 26.42 26.57
N ASP A 59 -13.27 27.47 26.02
CA ASP A 59 -14.45 28.05 26.66
C ASP A 59 -15.68 27.14 26.53
N GLY A 60 -15.58 26.11 25.70
CA GLY A 60 -16.68 25.17 25.53
C GLY A 60 -17.40 25.17 24.20
N THR A 61 -16.95 26.00 23.26
CA THR A 61 -17.60 26.09 21.95
C THR A 61 -16.78 25.50 20.81
N ILE A 62 -17.50 24.99 19.81
CA ILE A 62 -16.90 24.35 18.64
C ILE A 62 -16.60 25.28 17.46
N THR A 63 -15.36 25.26 16.99
CA THR A 63 -14.97 26.07 15.84
C THR A 63 -15.20 25.22 14.59
N HIS A 64 -14.58 24.04 14.56
CA HIS A 64 -14.76 23.11 13.45
C HIS A 64 -15.44 21.82 13.94
N PRO A 65 -16.75 21.72 13.73
CA PRO A 65 -17.50 20.53 14.17
C PRO A 65 -16.92 19.25 13.54
N ARG A 66 -16.56 18.29 14.38
CA ARG A 66 -16.02 17.03 13.89
C ARG A 66 -17.12 15.98 13.86
N VAL A 67 -17.60 15.57 15.03
CA VAL A 67 -18.65 14.55 15.09
C VAL A 67 -19.94 15.03 14.46
N GLY A 68 -20.56 14.14 13.69
CA GLY A 68 -21.81 14.48 13.06
C GLY A 68 -22.84 13.40 13.29
N THR A 69 -22.40 12.14 13.24
CA THR A 69 -23.29 11.02 13.41
C THR A 69 -23.21 10.33 14.78
N ILE A 70 -24.35 10.27 15.46
CA ILE A 70 -24.41 9.63 16.76
C ILE A 70 -24.94 8.19 16.66
N GLY A 71 -24.15 7.23 17.15
CA GLY A 71 -24.50 5.82 17.10
C GLY A 71 -25.76 5.34 17.81
N PRO A 72 -26.51 4.39 17.20
CA PRO A 72 -27.74 3.87 17.80
C PRO A 72 -27.52 3.42 19.23
N ARG A 73 -26.35 2.84 19.49
CA ARG A 73 -26.01 2.40 20.83
C ARG A 73 -25.71 3.61 21.72
N SER A 74 -25.12 4.65 21.13
CA SER A 74 -24.79 5.85 21.87
C SER A 74 -26.12 6.54 22.21
N MET A 75 -27.10 6.35 21.34
CA MET A 75 -28.42 6.94 21.53
C MET A 75 -29.22 6.19 22.60
N GLU A 76 -28.93 4.91 22.76
CA GLU A 76 -29.63 4.13 23.79
C GLU A 76 -29.12 4.59 25.13
N LEU A 77 -27.83 4.92 25.19
CA LEU A 77 -27.24 5.40 26.42
C LEU A 77 -27.79 6.79 26.72
N PHE A 78 -27.83 7.65 25.71
CA PHE A 78 -28.34 8.99 25.91
C PHE A 78 -29.80 8.90 26.30
N ARG A 79 -30.44 7.81 25.89
CA ARG A 79 -31.86 7.57 26.20
C ARG A 79 -31.97 7.40 27.71
N ARG A 80 -31.03 6.66 28.26
CA ARG A 80 -30.99 6.41 29.69
C ARG A 80 -30.68 7.71 30.42
N TRP A 81 -29.65 8.40 29.93
CA TRP A 81 -29.21 9.65 30.53
C TRP A 81 -30.14 10.81 30.21
N GLY A 82 -31.25 10.50 29.54
CA GLY A 82 -32.24 11.50 29.22
C GLY A 82 -31.87 12.74 28.41
N VAL A 83 -31.21 12.56 27.26
CA VAL A 83 -30.86 13.68 26.39
C VAL A 83 -31.00 13.26 24.93
N ALA A 84 -31.63 12.11 24.71
CA ALA A 84 -31.82 11.61 23.36
C ALA A 84 -32.82 12.47 22.59
N LYS A 85 -34.01 12.65 23.15
CA LYS A 85 -35.04 13.47 22.50
C LYS A 85 -34.43 14.78 22.02
N GLN A 86 -33.62 15.38 22.89
CA GLN A 86 -32.98 16.64 22.58
C GLN A 86 -32.07 16.54 21.36
N ILE A 87 -31.15 15.57 21.39
CA ILE A 87 -30.24 15.39 20.26
C ILE A 87 -31.01 15.25 18.95
N ARG A 88 -32.08 14.46 18.96
CA ARG A 88 -32.88 14.23 17.76
C ARG A 88 -33.52 15.51 17.25
N THR A 89 -33.94 16.36 18.17
CA THR A 89 -34.58 17.62 17.81
C THR A 89 -33.65 18.81 17.96
N ALA A 90 -32.35 18.57 17.80
CA ALA A 90 -31.35 19.63 17.93
C ALA A 90 -31.32 20.49 16.67
N GLY A 91 -31.96 20.02 15.60
CA GLY A 91 -31.96 20.81 14.39
C GLY A 91 -31.78 20.12 13.05
N TRP A 92 -31.41 18.85 13.03
CA TRP A 92 -31.28 18.20 11.73
C TRP A 92 -32.65 18.07 11.04
N PRO A 93 -32.80 18.64 9.84
CA PRO A 93 -34.07 18.58 9.09
C PRO A 93 -34.65 17.18 9.00
N GLY A 94 -35.84 17.00 9.55
CA GLY A 94 -36.50 15.71 9.52
C GLY A 94 -36.68 15.21 8.09
N ASP A 95 -36.87 16.16 7.17
CA ASP A 95 -37.05 15.81 5.78
C ASP A 95 -35.77 15.78 4.95
N HIS A 96 -34.63 16.10 5.56
CA HIS A 96 -33.38 16.07 4.80
C HIS A 96 -33.03 14.61 4.55
N PRO A 97 -32.62 14.29 3.32
CA PRO A 97 -32.24 12.94 2.92
C PRO A 97 -31.08 12.44 3.77
N LEU A 98 -30.86 11.13 3.79
CA LEU A 98 -29.77 10.57 4.59
C LEU A 98 -28.89 9.78 3.62
N ASP A 99 -29.15 10.00 2.34
CA ASP A 99 -28.47 9.32 1.23
C ASP A 99 -26.96 9.49 1.14
N ALA A 100 -26.32 8.52 0.51
CA ALA A 100 -24.89 8.54 0.31
C ALA A 100 -24.71 8.38 -1.20
N ALA A 101 -24.34 9.45 -1.89
CA ALA A 101 -24.18 9.35 -3.33
C ALA A 101 -22.74 9.53 -3.78
N TRP A 102 -22.38 8.84 -4.87
CA TRP A 102 -21.06 8.93 -5.43
C TRP A 102 -21.16 9.74 -6.73
N VAL A 103 -20.54 10.91 -6.73
CA VAL A 103 -20.60 11.78 -7.90
C VAL A 103 -19.21 12.22 -8.38
N THR A 104 -19.15 12.60 -9.65
CA THR A 104 -17.91 13.04 -10.28
C THR A 104 -17.59 14.41 -9.75
N ARG A 105 -18.65 15.13 -9.41
CA ARG A 105 -18.54 16.49 -8.92
C ARG A 105 -19.93 16.73 -8.33
N VAL A 106 -19.99 17.30 -7.12
CA VAL A 106 -21.29 17.54 -6.50
C VAL A 106 -22.09 18.44 -7.42
N GLY A 107 -23.14 17.90 -8.02
CA GLY A 107 -23.97 18.66 -8.93
C GLY A 107 -23.57 18.33 -10.35
N GLY A 108 -22.73 17.32 -10.49
CA GLY A 108 -22.28 16.87 -11.79
C GLY A 108 -22.79 15.47 -12.08
N HIS A 109 -21.96 14.64 -12.69
CA HIS A 109 -22.37 13.28 -13.03
C HIS A 109 -22.41 12.30 -11.87
N GLU A 110 -23.64 11.92 -11.48
CA GLU A 110 -23.86 10.98 -10.40
C GLU A 110 -23.55 9.56 -10.84
N VAL A 111 -22.74 8.87 -10.06
CA VAL A 111 -22.33 7.51 -10.38
C VAL A 111 -23.11 6.40 -9.67
N TYR A 112 -23.32 6.56 -8.37
CA TYR A 112 -24.02 5.55 -7.61
C TYR A 112 -24.66 6.19 -6.37
N ARG A 113 -25.78 5.64 -5.91
CA ARG A 113 -26.45 6.20 -4.76
C ARG A 113 -27.12 5.17 -3.88
N ILE A 114 -26.94 5.33 -2.58
CA ILE A 114 -27.55 4.44 -1.61
C ILE A 114 -28.65 5.26 -0.97
N PRO A 115 -29.90 5.03 -1.38
CA PRO A 115 -30.96 5.82 -0.75
C PRO A 115 -31.19 5.36 0.68
N LEU A 116 -31.28 6.31 1.61
CA LEU A 116 -31.48 5.99 3.01
C LEU A 116 -32.59 6.80 3.66
N GLY A 117 -33.58 7.19 2.85
CA GLY A 117 -34.71 7.93 3.38
C GLY A 117 -34.38 9.14 4.23
N THR A 118 -35.32 9.57 5.07
CA THR A 118 -35.08 10.71 5.93
C THR A 118 -35.43 10.36 7.35
N ALA A 119 -34.95 11.16 8.28
CA ALA A 119 -35.23 10.91 9.69
C ALA A 119 -36.72 10.59 9.87
N ASP A 120 -37.57 11.53 9.50
CA ASP A 120 -39.01 11.34 9.62
C ASP A 120 -39.62 10.29 8.70
N THR A 121 -38.83 9.67 7.84
CA THR A 121 -39.40 8.72 6.91
C THR A 121 -38.95 7.26 6.93
N ARG A 122 -37.71 7.03 7.32
CA ARG A 122 -37.18 5.68 7.34
C ARG A 122 -37.87 4.72 8.30
N ALA A 123 -37.90 3.45 7.89
CA ALA A 123 -38.51 2.41 8.70
C ALA A 123 -37.81 2.38 10.04
N THR A 124 -38.62 2.39 11.09
CA THR A 124 -38.11 2.35 12.46
C THR A 124 -37.19 1.15 12.65
N PRO A 125 -36.22 1.24 13.58
CA PRO A 125 -35.32 0.10 13.78
C PRO A 125 -36.14 -1.07 14.34
N GLU A 126 -35.48 -2.10 14.85
CA GLU A 126 -36.20 -3.25 15.39
C GLU A 126 -35.43 -3.92 16.52
N HIS A 127 -34.12 -4.00 16.35
CA HIS A 127 -33.23 -4.59 17.33
C HIS A 127 -32.74 -3.51 18.30
N THR A 128 -33.41 -2.36 18.27
CA THR A 128 -33.07 -1.25 19.14
C THR A 128 -34.17 -0.22 19.15
N PRO A 129 -34.36 0.46 20.28
CA PRO A 129 -35.40 1.48 20.35
C PRO A 129 -34.85 2.85 19.94
N GLU A 130 -33.54 2.94 19.67
CA GLU A 130 -32.93 4.22 19.29
C GLU A 130 -32.13 4.25 17.98
N PRO A 131 -32.79 4.63 16.88
CA PRO A 131 -32.03 4.65 15.62
C PRO A 131 -30.96 5.75 15.68
N ASP A 132 -29.85 5.57 14.96
CA ASP A 132 -28.75 6.54 14.95
C ASP A 132 -29.30 7.93 14.61
N ALA A 133 -28.71 8.96 15.20
CA ALA A 133 -29.16 10.33 14.95
C ALA A 133 -28.04 11.17 14.33
N ILE A 134 -28.43 12.29 13.72
CA ILE A 134 -27.47 13.20 13.12
C ILE A 134 -27.52 14.46 13.97
N CYS A 135 -26.37 14.87 14.47
CA CYS A 135 -26.35 16.05 15.31
C CYS A 135 -24.96 16.65 15.32
N PRO A 136 -24.66 17.53 14.36
CA PRO A 136 -23.33 18.16 14.29
C PRO A 136 -22.85 18.56 15.68
N GLN A 137 -21.56 18.39 15.91
CA GLN A 137 -20.94 18.69 17.19
C GLN A 137 -21.26 20.06 17.81
N HIS A 138 -21.38 21.10 17.00
CA HIS A 138 -21.68 22.38 17.61
C HIS A 138 -23.07 22.45 18.24
N TRP A 139 -24.00 21.60 17.83
CA TRP A 139 -25.32 21.60 18.48
C TRP A 139 -25.27 20.57 19.62
N LEU A 140 -24.41 19.56 19.46
CA LEU A 140 -24.25 18.51 20.44
C LEU A 140 -23.58 19.03 21.70
N ALA A 141 -22.41 19.63 21.52
CA ALA A 141 -21.63 20.19 22.62
C ALA A 141 -22.51 20.92 23.64
N PRO A 142 -23.27 21.92 23.18
CA PRO A 142 -24.14 22.68 24.07
C PRO A 142 -25.07 21.78 24.87
N LEU A 143 -25.80 20.93 24.15
CA LEU A 143 -26.76 19.99 24.71
C LEU A 143 -26.15 19.24 25.89
N LEU A 144 -24.97 18.68 25.66
CA LEU A 144 -24.30 17.94 26.71
C LEU A 144 -23.92 18.86 27.85
N ALA A 145 -23.33 20.00 27.52
CA ALA A 145 -22.92 20.97 28.53
C ALA A 145 -24.07 21.21 29.50
N GLU A 146 -25.27 21.31 28.95
CA GLU A 146 -26.44 21.55 29.78
C GLU A 146 -26.65 20.36 30.72
N ALA A 147 -26.85 19.17 30.14
CA ALA A 147 -27.06 17.97 30.94
C ALA A 147 -26.01 17.84 32.05
N VAL A 148 -24.75 18.15 31.76
CA VAL A 148 -23.70 18.05 32.76
C VAL A 148 -23.83 19.12 33.84
N GLY A 149 -24.43 20.24 33.47
CA GLY A 149 -24.63 21.31 34.42
C GLY A 149 -23.38 21.91 35.04
N GLU A 150 -23.56 22.35 36.28
CA GLU A 150 -22.52 22.99 37.07
C GLU A 150 -21.19 22.24 37.12
N ARG A 151 -21.24 20.91 37.11
CA ARG A 151 -20.01 20.13 37.18
C ARG A 151 -18.98 20.34 36.08
N LEU A 152 -19.34 21.12 35.06
CA LEU A 152 -18.41 21.39 33.97
C LEU A 152 -17.68 22.72 34.16
N ARG A 153 -16.35 22.65 34.20
CA ARG A 153 -15.52 23.83 34.38
C ARG A 153 -14.81 24.19 33.09
N THR A 154 -15.37 25.16 32.39
CA THR A 154 -14.78 25.62 31.14
C THR A 154 -13.69 26.64 31.41
N ARG A 155 -12.79 26.80 30.45
CA ARG A 155 -11.68 27.72 30.61
C ARG A 155 -10.85 27.32 31.83
N SER A 156 -10.66 26.01 31.99
CA SER A 156 -9.89 25.45 33.09
C SER A 156 -8.90 24.46 32.48
N ARG A 157 -7.62 24.72 32.67
CA ARG A 157 -6.58 23.84 32.11
C ARG A 157 -5.81 23.03 33.15
N LEU A 158 -5.63 21.74 32.87
CA LEU A 158 -4.88 20.89 33.78
C LEU A 158 -3.43 21.14 33.40
N ASP A 159 -2.63 21.56 34.38
CA ASP A 159 -1.22 21.83 34.15
C ASP A 159 -0.34 20.65 34.53
N SER A 160 -0.71 19.95 35.60
CA SER A 160 0.05 18.80 36.05
C SER A 160 -0.77 17.98 37.04
N PHE A 161 -0.28 16.77 37.33
CA PHE A 161 -0.95 15.89 38.27
C PHE A 161 0.11 14.97 38.83
N GLU A 162 -0.18 14.38 39.99
CA GLU A 162 0.74 13.44 40.63
C GLU A 162 -0.07 12.46 41.47
N GLN A 163 0.14 11.18 41.22
CA GLN A 163 -0.59 10.17 41.96
C GLN A 163 -0.05 10.00 43.38
N ARG A 164 -0.95 9.82 44.34
CA ARG A 164 -0.56 9.60 45.71
C ARG A 164 -0.94 8.18 46.04
N ASP A 165 -0.59 7.73 47.23
CA ASP A 165 -0.90 6.38 47.63
C ASP A 165 -2.37 5.99 47.43
N ASP A 166 -3.27 6.95 47.56
CA ASP A 166 -4.69 6.63 47.42
C ASP A 166 -5.54 7.72 46.78
N HIS A 167 -4.91 8.57 45.98
CA HIS A 167 -5.63 9.65 45.31
C HIS A 167 -4.70 10.40 44.38
N VAL A 168 -5.28 11.16 43.46
CA VAL A 168 -4.49 11.93 42.51
C VAL A 168 -4.66 13.41 42.80
N ARG A 169 -3.58 14.17 42.65
CA ARG A 169 -3.64 15.61 42.88
C ARG A 169 -3.29 16.30 41.57
N ALA A 170 -4.10 17.28 41.19
CA ALA A 170 -3.85 17.99 39.95
C ALA A 170 -3.93 19.49 40.18
N THR A 171 -3.25 20.23 39.30
CA THR A 171 -3.25 21.67 39.38
C THR A 171 -3.99 22.21 38.16
N ILE A 172 -5.02 23.01 38.39
CA ILE A 172 -5.82 23.58 37.31
C ILE A 172 -5.73 25.10 37.30
N THR A 173 -5.51 25.67 36.12
CA THR A 173 -5.41 27.12 35.95
C THR A 173 -6.75 27.63 35.45
N ASP A 174 -7.26 28.66 36.09
CA ASP A 174 -8.56 29.25 35.72
C ASP A 174 -8.33 30.34 34.66
N LEU A 175 -7.90 29.91 33.48
CA LEU A 175 -7.61 30.78 32.34
C LEU A 175 -8.43 32.07 32.27
N ARG A 176 -9.56 32.06 32.97
CA ARG A 176 -10.55 33.13 33.06
C ARG A 176 -10.40 34.18 34.18
N THR A 177 -9.92 33.75 35.35
CA THR A 177 -9.74 34.66 36.48
C THR A 177 -8.26 34.68 36.87
N GLY A 178 -7.50 33.79 36.23
CA GLY A 178 -6.06 33.70 36.47
C GLY A 178 -5.61 32.88 37.67
N ALA A 179 -6.54 32.57 38.57
CA ALA A 179 -6.25 31.79 39.78
C ALA A 179 -6.01 30.31 39.49
N THR A 180 -5.11 29.69 40.25
CA THR A 180 -4.81 28.27 40.07
C THR A 180 -5.14 27.50 41.33
N ARG A 181 -6.11 26.60 41.22
CA ARG A 181 -6.54 25.77 42.33
C ARG A 181 -6.16 24.29 42.15
N ALA A 182 -6.11 23.59 43.27
CA ALA A 182 -5.80 22.16 43.28
C ALA A 182 -7.07 21.33 43.37
N VAL A 183 -7.04 20.16 42.75
CA VAL A 183 -8.17 19.24 42.75
C VAL A 183 -7.67 17.92 43.32
N HIS A 184 -8.32 17.45 44.38
CA HIS A 184 -7.93 16.19 44.98
C HIS A 184 -9.02 15.15 44.71
N ALA A 185 -8.84 14.40 43.63
CA ALA A 185 -9.80 13.39 43.24
C ALA A 185 -9.27 12.01 43.56
N ARG A 186 -10.17 11.05 43.71
CA ARG A 186 -9.77 9.69 44.02
C ARG A 186 -9.32 8.97 42.76
N TYR A 187 -9.79 9.44 41.62
CA TYR A 187 -9.41 8.87 40.33
C TYR A 187 -9.32 9.98 39.29
N LEU A 188 -8.42 9.82 38.33
CA LEU A 188 -8.23 10.82 37.29
C LEU A 188 -8.46 10.15 35.94
N VAL A 189 -9.58 10.47 35.31
CA VAL A 189 -9.90 9.93 33.99
C VAL A 189 -9.48 10.96 32.97
N ALA A 190 -8.47 10.63 32.16
CA ALA A 190 -7.96 11.55 31.15
C ALA A 190 -8.69 11.36 29.83
N CYS A 191 -9.44 12.36 29.42
CA CYS A 191 -10.16 12.30 28.15
C CYS A 191 -9.64 13.47 27.35
N ASP A 192 -8.34 13.68 27.43
CA ASP A 192 -7.67 14.79 26.77
C ASP A 192 -7.49 14.69 25.26
N GLY A 193 -8.13 13.73 24.61
CA GLY A 193 -8.00 13.62 23.16
C GLY A 193 -6.88 12.74 22.64
N ALA A 194 -6.71 12.74 21.31
CA ALA A 194 -5.69 11.91 20.67
C ALA A 194 -4.23 12.25 21.02
N SER A 195 -3.88 13.52 21.02
CA SER A 195 -2.51 13.91 21.35
C SER A 195 -2.27 13.68 22.85
N SER A 196 -3.35 13.28 23.53
CA SER A 196 -3.35 13.00 24.96
C SER A 196 -2.02 13.19 25.67
N PRO A 197 -1.81 14.38 26.25
CA PRO A 197 -0.57 14.66 26.97
C PRO A 197 -0.47 13.73 28.18
N THR A 198 -1.60 13.48 28.84
CA THR A 198 -1.62 12.59 30.01
C THR A 198 -0.99 11.25 29.63
N ARG A 199 -1.41 10.71 28.50
CA ARG A 199 -0.88 9.42 28.05
C ARG A 199 0.65 9.46 27.94
N LYS A 200 1.17 10.49 27.28
CA LYS A 200 2.62 10.61 27.13
C LYS A 200 3.26 10.72 28.51
N ALA A 201 2.65 11.53 29.38
CA ALA A 201 3.17 11.71 30.73
C ALA A 201 3.37 10.36 31.42
N LEU A 202 2.32 9.54 31.48
CA LEU A 202 2.40 8.23 32.11
C LEU A 202 3.40 7.35 31.38
N GLY A 203 3.81 7.80 30.19
CA GLY A 203 4.74 7.04 29.39
C GLY A 203 4.12 5.86 28.66
N ILE A 204 2.85 5.96 28.32
CA ILE A 204 2.17 4.88 27.60
C ILE A 204 2.14 5.18 26.10
N ASP A 205 2.56 4.23 25.26
CA ASP A 205 2.55 4.48 23.82
C ASP A 205 1.35 3.91 23.09
N ALA A 206 0.91 4.64 22.07
CA ALA A 206 -0.21 4.26 21.24
C ALA A 206 0.27 4.11 19.79
N PRO A 207 1.04 3.04 19.51
CA PRO A 207 1.59 2.74 18.18
C PRO A 207 0.60 2.62 17.02
N PRO A 208 0.97 3.16 15.86
CA PRO A 208 0.13 3.14 14.65
C PRO A 208 -0.15 1.69 14.22
N ARG A 209 -1.38 1.42 13.80
CA ARG A 209 -1.75 0.09 13.36
C ARG A 209 -2.04 0.13 11.87
N HIS A 210 -1.86 1.31 11.30
CA HIS A 210 -2.09 1.56 9.88
C HIS A 210 -1.47 2.91 9.51
N ARG A 211 -1.04 3.05 8.26
CA ARG A 211 -0.40 4.26 7.77
C ARG A 211 -1.14 5.58 8.09
N THR A 212 -0.45 6.47 8.81
CA THR A 212 -1.03 7.76 9.18
C THR A 212 -1.23 8.62 7.93
N GLN A 213 -2.44 9.11 7.72
CA GLN A 213 -2.74 9.95 6.56
C GLN A 213 -3.05 11.39 6.93
N VAL A 214 -2.98 12.28 5.93
CA VAL A 214 -3.23 13.69 6.14
C VAL A 214 -4.35 14.20 5.23
N PHE A 215 -5.26 14.95 5.82
CA PHE A 215 -6.37 15.53 5.08
C PHE A 215 -6.59 16.97 5.52
N ARG A 216 -7.41 17.68 4.75
CA ARG A 216 -7.75 19.05 5.04
C ARG A 216 -9.27 19.06 5.05
N ASN A 217 -9.83 19.62 6.11
CA ASN A 217 -11.27 19.73 6.22
C ASN A 217 -11.72 21.16 6.00
N ILE A 218 -12.42 21.38 4.89
CA ILE A 218 -12.90 22.71 4.59
C ILE A 218 -14.39 22.85 4.96
N LEU A 219 -14.66 23.70 5.95
CA LEU A 219 -16.01 23.94 6.45
C LEU A 219 -16.54 25.20 5.78
N PHE A 220 -17.63 25.09 5.04
CA PHE A 220 -18.16 26.27 4.35
C PHE A 220 -19.67 26.35 4.31
N ARG A 221 -20.19 27.57 4.14
CA ARG A 221 -21.62 27.79 4.06
C ARG A 221 -22.01 27.92 2.59
N ALA A 222 -23.20 27.46 2.24
CA ALA A 222 -23.67 27.52 0.85
C ALA A 222 -25.19 27.45 0.90
N PRO A 223 -25.80 28.57 1.29
CA PRO A 223 -27.24 28.81 1.44
C PRO A 223 -28.15 28.25 0.35
N GLU A 224 -27.66 28.18 -0.88
CA GLU A 224 -28.49 27.71 -1.99
C GLU A 224 -28.15 26.33 -2.55
N LEU A 225 -27.16 25.67 -2.00
CA LEU A 225 -26.76 24.36 -2.49
C LEU A 225 -27.84 23.27 -2.38
N ARG A 226 -28.52 23.17 -1.24
CA ARG A 226 -29.55 22.14 -1.09
C ARG A 226 -30.71 22.45 -2.01
N SER A 227 -30.95 23.73 -2.22
CA SER A 227 -32.04 24.15 -3.09
C SER A 227 -31.70 23.89 -4.57
N LEU A 228 -30.42 24.03 -4.91
CA LEU A 228 -29.99 23.78 -6.28
C LEU A 228 -30.03 22.28 -6.52
N LEU A 229 -29.71 21.52 -5.48
CA LEU A 229 -29.67 20.07 -5.56
C LEU A 229 -31.06 19.45 -5.74
N GLY A 230 -32.02 19.92 -4.95
CA GLY A 230 -33.35 19.38 -5.03
C GLY A 230 -33.35 17.90 -4.67
N GLU A 231 -34.02 17.10 -5.49
CA GLU A 231 -34.13 15.66 -5.27
C GLU A 231 -32.78 15.00 -5.09
N ARG A 232 -31.76 15.57 -5.73
CA ARG A 232 -30.41 15.03 -5.65
C ARG A 232 -29.75 15.20 -4.29
N ALA A 233 -30.37 15.99 -3.41
CA ALA A 233 -29.84 16.23 -2.06
C ALA A 233 -29.28 14.94 -1.44
N ALA A 234 -28.31 15.06 -0.56
CA ALA A 234 -27.74 13.88 0.07
C ALA A 234 -26.95 14.23 1.33
N LEU A 235 -26.74 13.25 2.21
CA LEU A 235 -25.99 13.46 3.43
C LEU A 235 -24.50 13.41 3.15
N PHE A 236 -24.08 12.42 2.36
CA PHE A 236 -22.66 12.26 1.99
C PHE A 236 -22.47 12.25 0.47
N PHE A 237 -21.44 12.96 0.01
CA PHE A 237 -21.13 13.00 -1.40
C PHE A 237 -19.71 12.55 -1.51
N PHE A 238 -19.49 11.31 -1.92
CA PHE A 238 -18.12 10.87 -2.08
C PHE A 238 -17.75 11.33 -3.47
N LEU A 239 -16.75 12.18 -3.57
CA LEU A 239 -16.36 12.69 -4.87
C LEU A 239 -15.36 11.79 -5.57
N MET A 240 -15.57 11.60 -6.87
CA MET A 240 -14.67 10.79 -7.68
C MET A 240 -14.09 11.76 -8.71
N LEU A 241 -13.21 12.64 -8.26
CA LEU A 241 -12.61 13.64 -9.14
C LEU A 241 -11.08 13.64 -9.21
N SER A 242 -10.41 13.18 -8.16
CA SER A 242 -8.94 13.18 -8.17
C SER A 242 -8.34 12.43 -7.00
N SER A 243 -7.00 12.46 -6.90
CA SER A 243 -6.31 11.76 -5.83
C SER A 243 -6.58 12.42 -4.50
N SER A 244 -6.69 13.74 -4.51
CA SER A 244 -6.95 14.48 -3.28
C SER A 244 -8.43 14.78 -3.15
N LEU A 245 -9.13 14.83 -4.28
CA LEU A 245 -10.55 15.10 -4.26
C LEU A 245 -11.39 13.88 -4.63
N ARG A 246 -11.25 12.84 -3.82
CA ARG A 246 -11.98 11.59 -3.99
C ARG A 246 -12.56 11.23 -2.63
N PHE A 247 -12.86 12.26 -1.85
CA PHE A 247 -13.39 12.00 -0.54
C PHE A 247 -14.78 12.59 -0.37
N PRO A 248 -15.41 12.38 0.80
CA PRO A 248 -16.75 12.91 1.01
C PRO A 248 -16.92 14.36 1.38
N LEU A 249 -18.03 14.92 0.92
CA LEU A 249 -18.41 16.29 1.22
C LEU A 249 -19.76 16.03 1.90
N ARG A 250 -19.85 16.30 3.21
CA ARG A 250 -21.09 16.03 3.92
C ARG A 250 -21.84 17.22 4.47
N ALA A 251 -23.17 17.09 4.49
CA ALA A 251 -24.05 18.12 5.02
C ALA A 251 -24.02 18.03 6.56
N LEU A 252 -23.48 19.06 7.21
CA LEU A 252 -23.36 19.10 8.64
C LEU A 252 -24.64 19.35 9.39
N ASP A 253 -25.47 20.26 8.89
CA ASP A 253 -26.72 20.59 9.57
C ASP A 253 -27.91 20.60 8.62
N GLY A 254 -27.68 20.15 7.39
CA GLY A 254 -28.74 20.10 6.39
C GLY A 254 -29.43 21.45 6.22
N ARG A 255 -28.71 22.50 6.59
CA ARG A 255 -29.24 23.85 6.50
C ARG A 255 -28.27 24.84 5.88
N GLY A 256 -27.30 24.37 5.09
CA GLY A 256 -26.36 25.29 4.48
C GLY A 256 -24.91 25.06 4.85
N LEU A 257 -24.66 24.35 5.95
CA LEU A 257 -23.31 24.09 6.37
C LEU A 257 -22.80 22.74 5.81
N TYR A 258 -21.66 22.77 5.14
CA TYR A 258 -21.09 21.56 4.57
C TYR A 258 -19.60 21.45 4.89
N ARG A 259 -19.02 20.29 4.60
CA ARG A 259 -17.62 20.07 4.88
C ARG A 259 -17.02 19.17 3.81
N LEU A 260 -16.08 19.71 3.05
CA LEU A 260 -15.44 18.96 1.98
C LEU A 260 -14.07 18.53 2.43
N THR A 261 -13.92 17.26 2.74
CA THR A 261 -12.62 16.76 3.17
C THR A 261 -11.81 16.41 1.92
N VAL A 262 -10.58 16.92 1.89
CA VAL A 262 -9.69 16.70 0.76
C VAL A 262 -8.35 16.12 1.19
N GLY A 263 -7.85 15.17 0.39
CA GLY A 263 -6.58 14.52 0.68
C GLY A 263 -5.40 15.40 0.33
N VAL A 264 -4.22 15.03 0.83
CA VAL A 264 -3.02 15.80 0.56
C VAL A 264 -1.83 14.92 0.17
N ASP A 265 -0.90 15.53 -0.56
CA ASP A 265 0.34 14.93 -1.04
C ASP A 265 1.35 16.07 -1.22
N ASP A 266 2.36 16.15 -0.36
CA ASP A 266 3.36 17.22 -0.47
C ASP A 266 3.91 17.39 -1.89
N THR A 271 -1.67 22.60 -1.29
CA THR A 271 -1.01 23.57 -2.17
C THR A 271 -2.08 24.43 -2.86
N MET A 272 -3.30 23.90 -2.88
CA MET A 272 -4.44 24.57 -3.52
C MET A 272 -5.11 25.58 -2.58
N ASP A 273 -6.05 26.33 -3.13
CA ASP A 273 -6.77 27.35 -2.39
C ASP A 273 -8.12 26.82 -1.86
N SER A 274 -8.45 27.19 -0.63
CA SER A 274 -9.70 26.75 -0.01
C SER A 274 -10.88 26.92 -0.95
N PHE A 275 -11.25 28.16 -1.24
CA PHE A 275 -12.37 28.44 -2.11
C PHE A 275 -12.19 27.76 -3.46
N GLU A 276 -10.94 27.53 -3.86
CA GLU A 276 -10.71 26.88 -5.14
C GLU A 276 -11.18 25.44 -5.12
N LEU A 277 -10.74 24.73 -4.07
CA LEU A 277 -11.11 23.34 -3.88
C LEU A 277 -12.63 23.15 -3.83
N VAL A 278 -13.32 23.98 -3.05
CA VAL A 278 -14.77 23.85 -2.96
C VAL A 278 -15.39 24.01 -4.35
N ARG A 279 -14.85 24.95 -5.12
CA ARG A 279 -15.35 25.23 -6.47
C ARG A 279 -15.11 24.03 -7.35
N ARG A 280 -13.95 23.41 -7.17
CA ARG A 280 -13.61 22.24 -7.95
C ARG A 280 -14.66 21.17 -7.68
N ALA A 281 -15.08 21.07 -6.43
CA ALA A 281 -16.04 20.05 -6.03
C ALA A 281 -17.51 20.32 -6.33
N VAL A 282 -17.88 21.57 -6.50
CA VAL A 282 -19.28 21.91 -6.73
C VAL A 282 -19.61 22.56 -8.08
N ALA A 283 -20.22 21.77 -8.96
CA ALA A 283 -20.62 22.24 -10.29
C ALA A 283 -21.41 23.54 -10.30
N PHE A 284 -22.25 23.76 -9.30
CA PHE A 284 -23.07 24.96 -9.23
C PHE A 284 -22.25 26.21 -8.97
N ASP A 285 -22.71 27.34 -9.51
CA ASP A 285 -22.07 28.63 -9.29
C ASP A 285 -22.98 29.35 -8.30
N THR A 286 -22.85 29.00 -7.03
CA THR A 286 -23.67 29.57 -5.99
C THR A 286 -22.80 30.13 -4.88
N GLU A 287 -23.39 30.98 -4.05
CA GLU A 287 -22.67 31.58 -2.94
C GLU A 287 -21.90 30.51 -2.15
N ILE A 288 -20.65 30.81 -1.85
CA ILE A 288 -19.81 29.88 -1.11
C ILE A 288 -18.91 30.64 -0.16
N GLU A 289 -19.19 30.52 1.14
CA GLU A 289 -18.42 31.19 2.18
C GLU A 289 -17.57 30.20 2.97
N VAL A 290 -16.27 30.25 2.75
CA VAL A 290 -15.35 29.36 3.46
C VAL A 290 -15.12 29.83 4.88
N LEU A 291 -15.34 28.95 5.85
CA LEU A 291 -15.19 29.32 7.25
C LEU A 291 -13.93 28.80 7.92
N SER A 292 -13.47 27.62 7.53
CA SER A 292 -12.28 27.02 8.14
C SER A 292 -11.58 26.17 7.11
N ASP A 293 -10.31 25.86 7.36
CA ASP A 293 -9.55 25.01 6.46
C ASP A 293 -8.55 24.20 7.28
N SER A 294 -8.97 23.85 8.49
CA SER A 294 -8.16 23.05 9.41
C SER A 294 -7.66 21.74 8.82
N GLU A 295 -6.37 21.45 9.08
CA GLU A 295 -5.71 20.25 8.59
C GLU A 295 -5.67 19.21 9.70
N TRP A 296 -5.90 17.94 9.36
CA TRP A 296 -5.89 16.90 10.38
C TRP A 296 -5.22 15.63 9.91
N HIS A 297 -4.74 14.86 10.89
CA HIS A 297 -4.06 13.58 10.64
C HIS A 297 -4.97 12.40 10.97
N LEU A 298 -5.08 11.45 10.05
CA LEU A 298 -5.88 10.27 10.28
C LEU A 298 -4.95 9.29 10.96
N THR A 299 -5.28 8.91 12.18
CA THR A 299 -4.45 7.96 12.91
C THR A 299 -5.21 6.72 13.32
N HIS A 300 -4.51 5.60 13.37
CA HIS A 300 -5.09 4.32 13.77
C HIS A 300 -4.24 3.85 14.93
N ARG A 301 -4.48 4.40 16.11
CA ARG A 301 -3.70 4.00 17.26
C ARG A 301 -4.42 3.79 18.58
N VAL A 302 -4.14 2.64 19.19
CA VAL A 302 -4.70 2.27 20.48
C VAL A 302 -3.53 2.22 21.45
N ALA A 303 -3.83 2.53 22.71
CA ALA A 303 -2.82 2.58 23.75
C ALA A 303 -2.41 1.20 24.29
N ASP A 304 -1.11 1.02 24.50
CA ASP A 304 -0.62 -0.24 25.04
C ASP A 304 -1.40 -0.56 26.30
N SER A 305 -1.55 0.43 27.17
CA SER A 305 -2.30 0.22 28.39
C SER A 305 -3.35 1.31 28.52
N PHE A 306 -4.48 0.96 29.16
CA PHE A 306 -5.59 1.89 29.34
C PHE A 306 -5.61 2.63 30.67
N SER A 307 -4.60 2.38 31.49
CA SER A 307 -4.52 3.05 32.78
C SER A 307 -3.16 2.85 33.44
N ALA A 308 -2.93 3.62 34.50
CA ALA A 308 -1.69 3.57 35.26
C ALA A 308 -2.01 4.06 36.66
N GLY A 309 -2.35 3.13 37.55
CA GLY A 309 -2.69 3.50 38.91
C GLY A 309 -4.09 4.09 38.95
N ARG A 310 -4.24 5.19 39.68
CA ARG A 310 -5.54 5.83 39.78
C ARG A 310 -5.82 6.77 38.59
N VAL A 311 -4.96 6.69 37.56
CA VAL A 311 -5.12 7.51 36.36
C VAL A 311 -5.53 6.61 35.18
N PHE A 312 -6.58 7.01 34.46
CA PHE A 312 -7.09 6.25 33.31
C PHE A 312 -7.17 7.06 32.01
N LEU A 313 -7.36 6.35 30.89
CA LEU A 313 -7.49 6.98 29.59
C LEU A 313 -8.85 6.58 28.99
N THR A 314 -9.48 7.50 28.27
CA THR A 314 -10.78 7.23 27.67
C THR A 314 -11.03 8.12 26.46
N GLY A 315 -11.67 7.55 25.43
CA GLY A 315 -11.94 8.29 24.21
C GLY A 315 -10.70 8.19 23.35
N ASP A 316 -10.48 9.19 22.49
CA ASP A 316 -9.32 9.18 21.60
C ASP A 316 -8.02 9.02 22.37
N ALA A 317 -8.03 9.43 23.64
CA ALA A 317 -6.84 9.31 24.47
C ALA A 317 -6.45 7.85 24.63
N ALA A 318 -7.47 7.00 24.67
CA ALA A 318 -7.27 5.57 24.84
C ALA A 318 -7.27 4.81 23.52
N HIS A 319 -8.10 5.27 22.60
CA HIS A 319 -8.20 4.64 21.30
C HIS A 319 -8.76 5.61 20.27
N THR A 320 -7.96 5.92 19.28
CA THR A 320 -8.36 6.81 18.20
C THR A 320 -8.23 6.04 16.89
N LEU A 321 -9.31 5.99 16.13
CA LEU A 321 -9.33 5.28 14.87
C LEU A 321 -9.84 6.13 13.69
N SER A 322 -10.00 5.50 12.53
CA SER A 322 -10.46 6.25 11.36
C SER A 322 -11.89 6.73 11.48
N PRO A 323 -12.16 7.97 11.06
CA PRO A 323 -13.49 8.56 11.10
C PRO A 323 -14.49 7.92 10.13
N SER A 324 -14.00 7.01 9.29
CA SER A 324 -14.86 6.34 8.31
C SER A 324 -15.95 5.56 9.02
N GLY A 325 -17.20 5.77 8.61
CA GLY A 325 -18.30 5.08 9.25
C GLY A 325 -18.60 5.64 10.63
N GLY A 326 -17.82 6.65 11.02
CA GLY A 326 -17.97 7.32 12.31
C GLY A 326 -18.11 6.44 13.53
N PHE A 327 -17.01 5.77 13.91
CA PHE A 327 -17.03 4.92 15.09
C PHE A 327 -16.32 5.54 16.29
N GLY A 328 -15.43 6.49 15.99
CA GLY A 328 -14.65 7.17 17.02
C GLY A 328 -15.32 7.53 18.34
N MET A 329 -16.15 8.57 18.35
CA MET A 329 -16.80 9.00 19.58
C MET A 329 -17.63 7.86 20.16
N ASN A 330 -18.47 7.25 19.31
CA ASN A 330 -19.31 6.15 19.75
C ASN A 330 -18.52 5.08 20.48
N THR A 331 -17.35 4.73 19.96
CA THR A 331 -16.53 3.73 20.63
C THR A 331 -16.10 4.25 22.01
N GLY A 332 -15.76 5.53 22.08
CA GLY A 332 -15.36 6.14 23.33
C GLY A 332 -16.51 6.28 24.30
N ILE A 333 -17.69 6.56 23.77
CA ILE A 333 -18.87 6.69 24.61
C ILE A 333 -19.14 5.35 25.28
N GLY A 334 -18.97 4.26 24.54
CA GLY A 334 -19.16 2.94 25.11
C GLY A 334 -18.09 2.73 26.17
N SER A 335 -16.83 2.96 25.79
CA SER A 335 -15.71 2.84 26.71
C SER A 335 -15.98 3.74 27.91
N ALA A 336 -16.66 4.85 27.66
CA ALA A 336 -16.97 5.76 28.74
C ALA A 336 -17.90 5.07 29.71
N ALA A 337 -18.98 4.52 29.17
CA ALA A 337 -19.99 3.87 29.95
C ALA A 337 -19.42 2.72 30.77
N ASP A 338 -18.44 2.03 30.19
CA ASP A 338 -17.85 0.90 30.88
C ASP A 338 -17.11 1.33 32.12
N LEU A 339 -16.13 2.21 31.94
CA LEU A 339 -15.36 2.72 33.07
C LEU A 339 -16.34 3.33 34.05
N GLY A 340 -17.37 3.95 33.49
CA GLY A 340 -18.39 4.57 34.30
C GLY A 340 -18.79 3.77 35.52
N TRP A 341 -19.58 2.71 35.31
CA TRP A 341 -20.06 1.89 36.41
C TRP A 341 -18.98 1.26 37.25
N LYS A 342 -17.93 0.80 36.61
CA LYS A 342 -16.83 0.19 37.33
C LYS A 342 -16.22 1.12 38.38
N LEU A 343 -16.04 2.39 38.02
CA LEU A 343 -15.51 3.35 38.97
C LEU A 343 -16.49 3.49 40.14
N ALA A 344 -17.77 3.52 39.80
CA ALA A 344 -18.82 3.66 40.80
C ALA A 344 -18.83 2.47 41.75
N ALA A 345 -18.67 1.28 41.19
CA ALA A 345 -18.66 0.05 41.95
C ALA A 345 -17.52 0.09 42.96
N THR A 346 -16.35 0.49 42.47
CA THR A 346 -15.16 0.58 43.29
C THR A 346 -15.31 1.64 44.36
N LEU A 347 -15.73 2.84 43.94
CA LEU A 347 -15.90 3.93 44.88
C LEU A 347 -16.90 3.54 45.97
N ARG A 348 -17.85 2.66 45.64
CA ARG A 348 -18.86 2.22 46.62
C ARG A 348 -18.32 1.14 47.54
N GLY A 349 -17.37 0.36 47.04
CA GLY A 349 -16.79 -0.68 47.85
C GLY A 349 -17.28 -2.09 47.54
N TRP A 350 -18.32 -2.24 46.72
CA TRP A 350 -18.78 -3.58 46.44
C TRP A 350 -17.94 -4.27 45.36
N ALA A 351 -17.33 -3.48 44.48
CA ALA A 351 -16.50 -4.05 43.41
C ALA A 351 -15.28 -4.74 43.95
N GLY A 352 -14.89 -5.84 43.31
CA GLY A 352 -13.71 -6.57 43.73
C GLY A 352 -12.50 -5.79 43.25
N PRO A 353 -11.34 -5.91 43.90
CA PRO A 353 -10.15 -5.17 43.46
C PRO A 353 -9.76 -5.36 41.98
N GLY A 354 -10.13 -6.50 41.40
CA GLY A 354 -9.78 -6.73 40.01
C GLY A 354 -10.64 -6.04 38.98
N LEU A 355 -11.81 -5.55 39.39
CA LEU A 355 -12.74 -4.90 38.46
C LEU A 355 -12.20 -3.75 37.60
N LEU A 356 -11.71 -2.67 38.21
CA LEU A 356 -11.18 -1.55 37.42
C LEU A 356 -10.23 -2.03 36.32
N ALA A 357 -9.44 -3.04 36.64
CA ALA A 357 -8.49 -3.59 35.68
C ALA A 357 -9.20 -4.12 34.44
N THR A 358 -10.42 -4.63 34.61
CA THR A 358 -11.17 -5.19 33.50
C THR A 358 -11.65 -4.13 32.50
N TYR A 359 -11.36 -2.87 32.79
CA TYR A 359 -11.74 -1.78 31.89
C TYR A 359 -10.97 -1.99 30.59
N GLU A 360 -9.67 -2.19 30.71
CA GLU A 360 -8.80 -2.43 29.57
C GLU A 360 -9.10 -3.80 28.98
N GLU A 361 -9.25 -4.79 29.86
CA GLU A 361 -9.52 -6.17 29.47
C GLU A 361 -10.68 -6.28 28.49
N GLU A 362 -11.70 -5.46 28.70
CA GLU A 362 -12.88 -5.51 27.85
C GLU A 362 -12.92 -4.50 26.70
N ARG A 363 -12.54 -3.27 26.97
CA ARG A 363 -12.59 -2.23 25.93
C ARG A 363 -11.43 -2.23 24.93
N ARG A 364 -10.21 -2.35 25.40
CA ARG A 364 -9.10 -2.36 24.47
C ARG A 364 -9.40 -3.25 23.26
N PRO A 365 -9.94 -4.46 23.48
CA PRO A 365 -10.22 -5.32 22.34
C PRO A 365 -11.29 -4.72 21.41
N VAL A 366 -12.32 -4.11 22.01
CA VAL A 366 -13.38 -3.48 21.24
C VAL A 366 -12.79 -2.39 20.38
N ALA A 367 -11.97 -1.57 21.02
CA ALA A 367 -11.30 -0.46 20.36
C ALA A 367 -10.63 -0.99 19.11
N ILE A 368 -9.91 -2.08 19.26
CA ILE A 368 -9.21 -2.64 18.13
C ILE A 368 -10.12 -3.18 17.02
N THR A 369 -11.14 -3.94 17.36
CA THR A 369 -12.00 -4.46 16.31
C THR A 369 -12.76 -3.31 15.64
N SER A 370 -12.99 -2.24 16.38
CA SER A 370 -13.70 -1.10 15.82
C SER A 370 -12.73 -0.34 14.91
N LEU A 371 -11.49 -0.23 15.35
CA LEU A 371 -10.47 0.45 14.57
C LEU A 371 -10.39 -0.19 13.18
N GLU A 372 -10.14 -1.49 13.17
CA GLU A 372 -10.02 -2.24 11.92
C GLU A 372 -11.21 -2.13 10.96
N GLU A 373 -12.43 -2.26 11.50
CA GLU A 373 -13.63 -2.17 10.67
C GLU A 373 -13.67 -0.79 10.01
N ALA A 374 -13.13 0.21 10.69
CA ALA A 374 -13.08 1.57 10.16
C ALA A 374 -12.07 1.60 9.01
N ASN A 375 -10.87 1.10 9.30
CA ASN A 375 -9.82 1.05 8.31
C ASN A 375 -10.37 0.41 7.04
N VAL A 376 -11.23 -0.59 7.21
CA VAL A 376 -11.82 -1.28 6.07
C VAL A 376 -12.57 -0.29 5.23
N ASN A 377 -13.46 0.47 5.88
CA ASN A 377 -14.24 1.48 5.17
C ASN A 377 -13.30 2.41 4.44
N LEU A 378 -12.26 2.85 5.14
CA LEU A 378 -11.26 3.75 4.58
C LEU A 378 -10.73 3.16 3.29
N ARG A 379 -10.16 1.97 3.38
CA ARG A 379 -9.61 1.31 2.21
C ARG A 379 -10.61 1.21 1.07
N ARG A 380 -11.86 0.89 1.36
CA ARG A 380 -12.83 0.77 0.28
C ARG A 380 -12.77 2.00 -0.62
N THR A 381 -12.27 3.11 -0.08
CA THR A 381 -12.18 4.35 -0.85
C THR A 381 -10.78 4.52 -1.42
N MET A 382 -9.79 4.47 -0.54
CA MET A 382 -8.40 4.61 -0.95
C MET A 382 -8.11 3.68 -2.12
N ASP A 383 -8.71 2.51 -2.11
CA ASP A 383 -8.48 1.52 -3.17
C ASP A 383 -9.22 1.84 -4.45
N ARG A 384 -10.53 2.02 -4.35
CA ARG A 384 -11.36 2.34 -5.52
C ARG A 384 -10.64 3.25 -6.51
N GLU A 385 -10.44 2.76 -7.73
CA GLU A 385 -9.75 3.55 -8.73
C GLU A 385 -10.70 4.40 -9.55
N LEU A 386 -10.14 5.41 -10.23
CA LEU A 386 -10.90 6.34 -11.05
C LEU A 386 -10.55 6.28 -12.54
N PRO A 387 -11.41 5.65 -13.35
CA PRO A 387 -11.17 5.55 -14.79
C PRO A 387 -11.11 6.92 -15.46
N PRO A 388 -10.05 7.18 -16.24
CA PRO A 388 -9.84 8.46 -16.95
C PRO A 388 -11.02 9.00 -17.76
N GLY A 389 -11.94 8.13 -18.17
CA GLY A 389 -13.08 8.58 -18.95
C GLY A 389 -14.37 8.59 -18.14
N LEU A 390 -14.26 9.11 -16.92
CA LEU A 390 -15.40 9.16 -16.01
C LEU A 390 -16.21 10.44 -16.09
N HIS A 391 -15.52 11.56 -16.30
CA HIS A 391 -16.19 12.86 -16.40
C HIS A 391 -16.79 13.09 -17.78
N ASP A 392 -16.01 12.77 -18.82
CA ASP A 392 -16.42 12.92 -20.21
C ASP A 392 -17.93 12.79 -20.37
N ASP A 393 -18.56 13.81 -20.96
CA ASP A 393 -20.01 13.79 -21.16
C ASP A 393 -20.36 12.84 -22.30
N GLY A 394 -21.64 12.85 -22.69
CA GLY A 394 -22.10 12.01 -23.78
C GLY A 394 -21.94 10.51 -23.56
N PRO A 395 -23.05 9.75 -23.61
CA PRO A 395 -23.06 8.29 -23.41
C PRO A 395 -21.99 7.47 -24.14
N ARG A 396 -21.18 8.11 -24.98
CA ARG A 396 -20.11 7.42 -25.70
C ARG A 396 -18.94 7.14 -24.73
N GLY A 397 -19.07 7.63 -23.52
CA GLY A 397 -18.06 7.43 -22.50
C GLY A 397 -18.74 7.67 -21.16
N GLU A 398 -20.04 7.34 -21.15
CA GLU A 398 -20.86 7.49 -19.97
C GLU A 398 -21.14 6.16 -19.32
N ARG A 399 -21.14 5.09 -20.12
CA ARG A 399 -21.38 3.78 -19.55
C ARG A 399 -20.15 3.41 -18.72
N ILE A 400 -19.07 4.18 -18.92
CA ILE A 400 -17.82 4.00 -18.20
C ILE A 400 -18.14 4.22 -16.71
N ARG A 401 -19.29 4.83 -16.47
CA ARG A 401 -19.74 5.11 -15.12
C ARG A 401 -20.58 3.93 -14.63
N ALA A 402 -21.39 3.36 -15.54
CA ALA A 402 -22.21 2.21 -15.21
C ALA A 402 -21.26 1.08 -14.82
N ALA A 403 -20.00 1.25 -15.17
CA ALA A 403 -18.96 0.29 -14.87
C ALA A 403 -18.68 0.33 -13.37
N VAL A 404 -17.97 1.38 -12.96
CA VAL A 404 -17.62 1.56 -11.55
C VAL A 404 -18.87 1.61 -10.68
N ALA A 405 -20.02 1.80 -11.32
CA ALA A 405 -21.28 1.86 -10.60
C ALA A 405 -21.57 0.55 -9.89
N GLU A 406 -21.83 -0.52 -10.65
CA GLU A 406 -22.10 -1.79 -10.02
C GLU A 406 -20.86 -2.23 -9.27
N LYS A 407 -19.70 -1.89 -9.81
CA LYS A 407 -18.42 -2.24 -9.19
C LYS A 407 -18.47 -1.89 -7.70
N LEU A 408 -19.07 -0.74 -7.39
CA LEU A 408 -19.23 -0.27 -6.01
C LEU A 408 -20.31 -1.12 -5.33
N GLU A 409 -21.45 -1.26 -6.01
CA GLU A 409 -22.56 -2.07 -5.50
C GLU A 409 -21.93 -3.33 -4.93
N ARG A 410 -21.14 -3.98 -5.77
CA ARG A 410 -20.47 -5.18 -5.38
C ARG A 410 -19.45 -4.93 -4.28
N SER A 411 -18.77 -3.78 -4.33
CA SER A 411 -17.74 -3.48 -3.33
C SER A 411 -18.27 -3.49 -1.91
N GLY A 412 -19.58 -3.74 -1.77
CA GLY A 412 -20.17 -3.77 -0.45
C GLY A 412 -19.82 -2.48 0.26
N ALA A 413 -20.37 -1.39 -0.27
CA ALA A 413 -20.09 -0.07 0.26
C ALA A 413 -21.15 0.42 1.24
N ARG A 414 -22.32 -0.19 1.22
CA ARG A 414 -23.38 0.27 2.10
C ARG A 414 -23.08 -0.09 3.56
N ARG A 415 -22.09 -0.96 3.76
CA ARG A 415 -21.70 -1.38 5.09
C ARG A 415 -21.16 -0.18 5.89
N GLU A 416 -20.64 0.80 5.16
CA GLU A 416 -20.07 1.99 5.81
C GLU A 416 -21.13 2.86 6.48
N PHE A 417 -22.40 2.55 6.22
CA PHE A 417 -23.50 3.31 6.78
C PHE A 417 -24.44 2.43 7.60
N ASP A 418 -24.19 1.13 7.56
CA ASP A 418 -25.02 0.17 8.28
C ASP A 418 -24.08 -0.82 8.96
N ALA A 419 -23.76 -0.60 10.23
CA ALA A 419 -22.86 -1.52 10.92
C ALA A 419 -23.35 -1.96 12.29
N PRO A 420 -24.61 -2.42 12.38
CA PRO A 420 -25.14 -2.86 13.67
C PRO A 420 -24.14 -3.77 14.40
N GLY A 421 -23.33 -4.47 13.63
CA GLY A 421 -22.35 -5.35 14.23
C GLY A 421 -21.42 -4.54 15.12
N ILE A 422 -20.73 -3.57 14.54
CA ILE A 422 -19.81 -2.75 15.32
C ILE A 422 -20.49 -2.02 16.49
N HIS A 423 -21.71 -1.53 16.27
CA HIS A 423 -22.44 -0.82 17.32
C HIS A 423 -23.03 -1.70 18.41
N PHE A 424 -23.81 -2.70 18.01
CA PHE A 424 -24.46 -3.60 18.97
C PHE A 424 -23.72 -4.91 19.23
N GLY A 425 -22.82 -5.30 18.33
CA GLY A 425 -22.08 -6.55 18.48
C GLY A 425 -21.23 -6.71 19.72
N HIS A 426 -19.92 -6.49 19.56
CA HIS A 426 -18.96 -6.60 20.65
C HIS A 426 -19.42 -7.46 21.83
N THR A 427 -18.85 -8.65 21.96
CA THR A 427 -19.20 -9.51 23.08
C THR A 427 -17.98 -9.58 23.98
N TYR A 428 -18.10 -9.14 25.21
CA TYR A 428 -16.94 -9.21 26.09
C TYR A 428 -16.70 -10.67 26.41
N ARG A 429 -15.44 -11.04 26.53
CA ARG A 429 -15.03 -12.38 26.85
C ARG A 429 -13.93 -12.17 27.88
N SER A 430 -14.31 -12.02 29.15
CA SER A 430 -13.31 -11.74 30.16
C SER A 430 -13.45 -12.37 31.55
N SER A 431 -12.46 -12.08 32.38
CA SER A 431 -12.36 -12.58 33.72
C SER A 431 -13.62 -12.42 34.57
N ILE A 432 -14.55 -11.59 34.14
CA ILE A 432 -15.78 -11.42 34.92
C ILE A 432 -17.02 -11.84 34.15
N VAL A 433 -16.82 -12.58 33.07
CA VAL A 433 -17.94 -13.03 32.25
C VAL A 433 -17.94 -14.55 32.18
N CYS A 434 -19.08 -15.14 32.48
CA CYS A 434 -19.23 -16.59 32.41
C CYS A 434 -19.49 -16.92 30.95
N GLY A 435 -18.42 -16.93 30.18
CA GLY A 435 -18.50 -17.21 28.76
C GLY A 435 -19.09 -18.55 28.35
N GLU A 436 -19.70 -18.58 27.17
CA GLU A 436 -20.30 -19.80 26.65
C GLU A 436 -19.36 -20.33 25.57
N GLY A 444 -21.46 -14.74 9.69
CA GLY A 444 -22.24 -13.88 8.80
C GLY A 444 -22.66 -12.55 9.39
N GLY A 445 -23.94 -12.24 9.26
CA GLY A 445 -24.46 -10.97 9.77
C GLY A 445 -24.77 -10.95 11.25
N TRP A 446 -24.59 -9.78 11.86
CA TRP A 446 -24.84 -9.62 13.27
C TRP A 446 -26.32 -9.71 13.56
N ARG A 447 -26.65 -10.39 14.66
CA ARG A 447 -28.03 -10.56 15.10
C ARG A 447 -27.96 -10.46 16.63
N PRO A 448 -29.11 -10.18 17.28
CA PRO A 448 -29.17 -10.06 18.75
C PRO A 448 -29.01 -11.36 19.52
N SER A 449 -28.12 -11.34 20.50
CA SER A 449 -27.87 -12.49 21.35
C SER A 449 -28.01 -12.05 22.79
N ALA A 450 -28.05 -13.01 23.70
CA ALA A 450 -28.15 -12.72 25.13
C ALA A 450 -27.00 -13.46 25.77
N ARG A 451 -26.17 -14.08 24.94
CA ARG A 451 -25.03 -14.83 25.42
C ARG A 451 -24.17 -13.92 26.29
N PRO A 452 -23.55 -14.49 27.33
CA PRO A 452 -22.69 -13.72 28.22
C PRO A 452 -21.64 -12.88 27.48
N GLY A 453 -21.44 -11.65 27.95
CA GLY A 453 -20.46 -10.75 27.35
C GLY A 453 -21.08 -9.83 26.32
N ALA A 454 -22.31 -10.14 25.91
CA ALA A 454 -23.03 -9.36 24.91
C ALA A 454 -24.01 -8.35 25.51
N ARG A 455 -24.48 -7.44 24.66
CA ARG A 455 -25.43 -6.44 25.08
C ARG A 455 -26.80 -7.09 25.08
N ALA A 456 -27.45 -7.16 26.25
CA ALA A 456 -28.80 -7.74 26.33
C ALA A 456 -29.60 -7.13 25.19
N PRO A 457 -30.22 -7.97 24.34
CA PRO A 457 -31.01 -7.51 23.19
C PRO A 457 -32.25 -6.72 23.55
N HIS A 458 -32.73 -5.95 22.58
CA HIS A 458 -33.92 -5.13 22.75
C HIS A 458 -35.22 -5.88 22.46
N ALA A 459 -36.27 -5.51 23.17
CA ALA A 459 -37.59 -6.09 23.00
C ALA A 459 -38.58 -5.29 23.85
N TRP A 460 -39.76 -4.99 23.30
CA TRP A 460 -40.73 -4.20 24.06
C TRP A 460 -41.48 -4.99 25.14
N LEU A 461 -41.45 -4.45 26.36
CA LEU A 461 -42.16 -5.04 27.50
C LEU A 461 -43.52 -4.35 27.54
N THR A 462 -43.53 -3.12 27.06
CA THR A 462 -44.71 -2.29 26.98
C THR A 462 -44.41 -1.46 25.74
N PRO A 463 -45.44 -1.10 24.96
CA PRO A 463 -45.12 -0.30 23.78
C PRO A 463 -44.26 0.91 24.16
N THR A 464 -44.15 1.13 25.46
CA THR A 464 -43.40 2.25 26.03
C THR A 464 -42.18 1.83 26.82
N THR A 465 -42.01 0.53 27.02
CA THR A 465 -40.88 0.06 27.81
C THR A 465 -40.00 -0.99 27.15
N SER A 466 -38.73 -0.65 26.93
CA SER A 466 -37.78 -1.58 26.33
C SER A 466 -37.03 -2.33 27.41
N THR A 467 -36.67 -3.57 27.13
CA THR A 467 -35.92 -4.36 28.09
C THR A 467 -34.68 -3.53 28.44
N LEU A 468 -34.23 -2.77 27.45
CA LEU A 468 -33.06 -1.93 27.59
C LEU A 468 -33.24 -0.97 28.76
N ASP A 469 -34.48 -0.58 29.03
CA ASP A 469 -34.77 0.36 30.10
C ASP A 469 -34.65 -0.19 31.54
N LEU A 470 -34.54 -1.50 31.69
CA LEU A 470 -34.42 -2.04 33.03
C LEU A 470 -32.97 -1.95 33.48
N PHE A 471 -32.06 -1.90 32.52
CA PHE A 471 -30.63 -1.87 32.82
C PHE A 471 -30.02 -0.47 32.90
N GLY A 472 -28.87 -0.37 33.57
CA GLY A 472 -28.20 0.91 33.69
C GLY A 472 -27.75 1.23 35.09
N ARG A 473 -28.60 0.91 36.07
CA ARG A 473 -28.32 1.18 37.48
C ARG A 473 -27.40 0.11 38.07
N GLY A 474 -27.96 -0.94 38.66
CA GLY A 474 -27.11 -1.97 39.23
C GLY A 474 -27.18 -3.22 38.37
N PHE A 475 -27.10 -4.39 39.01
CA PHE A 475 -27.20 -5.64 38.27
C PHE A 475 -28.70 -5.93 38.17
N VAL A 476 -29.06 -6.73 37.18
CA VAL A 476 -30.46 -7.07 36.99
C VAL A 476 -30.59 -8.53 36.60
N LEU A 477 -31.54 -9.23 37.23
CA LEU A 477 -31.77 -10.63 36.95
C LEU A 477 -33.16 -10.82 36.35
N LEU A 478 -33.20 -11.17 35.07
CA LEU A 478 -34.47 -11.40 34.40
C LEU A 478 -34.77 -12.88 34.49
N SER A 479 -36.00 -13.19 34.90
CA SER A 479 -36.45 -14.57 35.00
C SER A 479 -37.69 -14.68 34.14
N PHE A 480 -37.58 -15.45 33.06
CA PHE A 480 -38.69 -15.61 32.12
C PHE A 480 -39.73 -16.61 32.53
N GLY A 481 -39.32 -17.62 33.28
CA GLY A 481 -40.27 -18.62 33.71
C GLY A 481 -40.44 -18.62 35.21
N THR A 482 -39.98 -19.70 35.83
CA THR A 482 -40.07 -19.89 37.26
C THR A 482 -39.36 -18.76 38.03
N THR A 483 -39.84 -18.51 39.24
CA THR A 483 -39.27 -17.49 40.13
C THR A 483 -38.55 -18.30 41.21
N ASP A 484 -38.34 -19.56 40.91
CA ASP A 484 -37.69 -20.51 41.80
C ASP A 484 -36.20 -20.28 42.07
N GLY A 485 -35.85 -20.06 43.34
CA GLY A 485 -34.46 -19.88 43.70
C GLY A 485 -33.92 -18.46 43.56
N VAL A 486 -34.78 -17.54 43.13
CA VAL A 486 -34.36 -16.16 42.96
C VAL A 486 -34.07 -15.50 44.31
N GLU A 487 -34.80 -15.92 45.35
CA GLU A 487 -34.62 -15.38 46.68
C GLU A 487 -33.18 -15.63 47.12
N ALA A 488 -32.68 -16.81 46.78
CA ALA A 488 -31.32 -17.17 47.12
C ALA A 488 -30.34 -16.19 46.46
N VAL A 489 -30.63 -15.86 45.21
CA VAL A 489 -29.81 -14.94 44.45
C VAL A 489 -29.86 -13.58 45.09
N THR A 490 -31.06 -13.15 45.46
CA THR A 490 -31.24 -11.86 46.10
C THR A 490 -30.33 -11.79 47.31
N ARG A 491 -30.41 -12.80 48.17
CA ARG A 491 -29.59 -12.85 49.37
C ARG A 491 -28.11 -12.79 49.05
N ALA A 492 -27.69 -13.62 48.10
CA ALA A 492 -26.30 -13.68 47.68
C ALA A 492 -25.71 -12.29 47.42
N PHE A 493 -26.34 -11.56 46.50
CA PHE A 493 -25.88 -10.22 46.20
C PHE A 493 -25.92 -9.36 47.44
N ALA A 494 -27.03 -9.44 48.16
CA ALA A 494 -27.22 -8.69 49.38
C ALA A 494 -26.00 -8.76 50.29
N ASP A 495 -25.50 -9.97 50.48
CA ASP A 495 -24.35 -10.19 51.34
C ASP A 495 -23.14 -9.35 50.96
N ARG A 496 -22.73 -9.40 49.69
CA ARG A 496 -21.58 -8.62 49.27
C ARG A 496 -21.92 -7.15 49.00
N HIS A 497 -23.15 -6.76 49.30
CA HIS A 497 -23.60 -5.39 49.10
C HIS A 497 -23.53 -4.99 47.62
N VAL A 498 -23.87 -5.93 46.75
CA VAL A 498 -23.87 -5.67 45.34
C VAL A 498 -25.32 -5.39 44.94
N PRO A 499 -25.57 -4.20 44.37
CA PRO A 499 -26.92 -3.84 43.96
C PRO A 499 -27.48 -4.78 42.91
N LEU A 500 -28.65 -5.32 43.20
CA LEU A 500 -29.32 -6.25 42.29
C LEU A 500 -30.82 -5.99 42.29
N GLU A 501 -31.43 -6.19 41.12
CA GLU A 501 -32.86 -6.03 40.94
C GLU A 501 -33.33 -7.26 40.19
N THR A 502 -34.51 -7.75 40.55
CA THR A 502 -35.07 -8.91 39.90
C THR A 502 -36.37 -8.51 39.25
N VAL A 503 -36.49 -8.81 37.97
CA VAL A 503 -37.70 -8.50 37.21
C VAL A 503 -38.22 -9.84 36.69
N THR A 504 -39.50 -10.10 36.91
CA THR A 504 -40.08 -11.35 36.46
C THR A 504 -40.88 -11.07 35.20
N CYS A 505 -40.32 -11.47 34.07
CA CYS A 505 -40.97 -11.22 32.80
C CYS A 505 -41.87 -12.38 32.38
N HIS A 506 -42.93 -12.07 31.63
CA HIS A 506 -43.86 -13.08 31.17
C HIS A 506 -44.12 -13.06 29.67
N ALA A 507 -43.15 -12.61 28.88
CA ALA A 507 -43.34 -12.56 27.43
C ALA A 507 -42.61 -13.70 26.73
N PRO A 508 -43.36 -14.68 26.23
CA PRO A 508 -42.77 -15.84 25.54
C PRO A 508 -41.87 -15.42 24.38
N GLU A 509 -42.27 -14.35 23.68
CA GLU A 509 -41.50 -13.83 22.56
C GLU A 509 -40.07 -13.42 23.03
N ILE A 510 -39.98 -12.69 24.13
CA ILE A 510 -38.70 -12.25 24.68
C ILE A 510 -37.96 -13.40 25.36
N HIS A 511 -38.72 -14.36 25.88
CA HIS A 511 -38.14 -15.52 26.55
C HIS A 511 -37.28 -16.20 25.49
N ALA A 512 -37.84 -16.27 24.28
CA ALA A 512 -37.18 -16.89 23.14
C ALA A 512 -35.93 -16.10 22.75
N LEU A 513 -36.07 -14.79 22.67
CA LEU A 513 -34.95 -13.93 22.32
C LEU A 513 -33.79 -14.17 23.27
N TYR A 514 -34.08 -14.25 24.56
CA TYR A 514 -33.04 -14.48 25.55
C TYR A 514 -32.61 -15.95 25.69
N GLU A 515 -33.44 -16.86 25.22
CA GLU A 515 -33.13 -18.29 25.27
C GLU A 515 -33.15 -18.92 26.67
N ARG A 516 -32.16 -18.67 27.52
CA ARG A 516 -32.20 -19.27 28.86
C ARG A 516 -33.32 -18.70 29.71
N ALA A 517 -33.59 -19.36 30.83
CA ALA A 517 -34.67 -18.93 31.73
C ALA A 517 -34.25 -17.85 32.72
N HIS A 518 -32.96 -17.80 33.02
CA HIS A 518 -32.42 -16.81 33.95
C HIS A 518 -31.27 -16.07 33.28
N VAL A 519 -31.40 -14.75 33.18
CA VAL A 519 -30.38 -13.91 32.57
C VAL A 519 -29.95 -12.81 33.53
N LEU A 520 -28.67 -12.78 33.84
CA LEU A 520 -28.12 -11.77 34.74
C LEU A 520 -27.40 -10.68 33.93
N VAL A 521 -28.00 -9.51 33.84
CA VAL A 521 -27.40 -8.42 33.10
C VAL A 521 -26.58 -7.55 34.07
N ARG A 522 -25.49 -6.96 33.57
CA ARG A 522 -24.64 -6.12 34.40
C ARG A 522 -25.10 -4.67 34.38
N PRO A 523 -24.48 -3.82 35.21
CA PRO A 523 -24.86 -2.40 35.25
C PRO A 523 -24.62 -1.71 33.91
N ASP A 524 -23.72 -2.26 33.10
CA ASP A 524 -23.39 -1.68 31.81
C ASP A 524 -24.36 -2.14 30.72
N GLY A 525 -25.26 -3.05 31.07
CA GLY A 525 -26.22 -3.56 30.12
C GLY A 525 -25.86 -4.85 29.40
N HIS A 526 -24.69 -5.39 29.71
CA HIS A 526 -24.26 -6.64 29.09
C HIS A 526 -24.51 -7.84 30.01
N VAL A 527 -24.85 -8.97 29.40
CA VAL A 527 -25.13 -10.18 30.13
C VAL A 527 -23.84 -10.71 30.77
N ALA A 528 -23.95 -11.21 32.00
CA ALA A 528 -22.78 -11.75 32.69
C ALA A 528 -22.95 -13.26 32.86
N TRP A 529 -24.20 -13.72 32.85
CA TRP A 529 -24.50 -15.13 33.01
C TRP A 529 -25.92 -15.41 32.58
N ARG A 530 -26.15 -16.62 32.09
CA ARG A 530 -27.48 -17.02 31.68
C ARG A 530 -27.60 -18.54 31.71
N GLY A 531 -28.72 -19.02 32.24
CA GLY A 531 -28.93 -20.46 32.30
C GLY A 531 -30.34 -20.80 32.71
N ASP A 532 -30.82 -21.98 32.30
CA ASP A 532 -32.16 -22.41 32.66
C ASP A 532 -32.18 -22.79 34.14
N HIS A 533 -31.01 -22.94 34.74
CA HIS A 533 -30.90 -23.28 36.15
C HIS A 533 -29.82 -22.43 36.82
N LEU A 534 -30.14 -21.84 37.96
CA LEU A 534 -29.20 -21.00 38.69
C LEU A 534 -28.04 -21.84 39.22
N PRO A 535 -26.87 -21.24 39.39
CA PRO A 535 -25.74 -22.00 39.91
C PRO A 535 -25.97 -22.37 41.38
N ALA A 536 -25.21 -23.34 41.86
CA ALA A 536 -25.34 -23.77 43.25
C ALA A 536 -24.54 -22.86 44.16
N GLU A 537 -23.27 -22.63 43.82
CA GLU A 537 -22.39 -21.77 44.61
C GLU A 537 -22.57 -20.29 44.25
N LEU A 538 -23.74 -19.72 44.56
CA LEU A 538 -24.05 -18.33 44.25
C LEU A 538 -22.96 -17.35 44.64
N GLY A 539 -22.47 -17.47 45.87
CA GLY A 539 -21.42 -16.60 46.34
C GLY A 539 -20.31 -16.53 45.31
N GLY A 540 -19.91 -17.68 44.81
CA GLY A 540 -18.87 -17.71 43.80
C GLY A 540 -19.28 -16.81 42.65
N LEU A 541 -20.45 -17.08 42.09
CA LEU A 541 -20.98 -16.29 40.99
C LEU A 541 -20.75 -14.80 41.22
N VAL A 542 -21.41 -14.25 42.24
CA VAL A 542 -21.29 -12.85 42.58
C VAL A 542 -19.85 -12.36 42.60
N ASP A 543 -19.01 -13.02 43.39
CA ASP A 543 -17.61 -12.64 43.49
C ASP A 543 -16.88 -12.68 42.14
N LYS A 544 -17.45 -13.37 41.16
CA LYS A 544 -16.81 -13.43 39.86
C LYS A 544 -17.18 -12.22 39.01
N VAL A 545 -18.47 -11.96 38.89
CA VAL A 545 -18.98 -10.86 38.08
C VAL A 545 -18.58 -9.48 38.59
N ARG A 546 -18.27 -9.36 39.88
CA ARG A 546 -17.88 -8.06 40.42
C ARG A 546 -16.37 -7.90 40.51
N GLY A 547 -15.65 -8.77 39.80
CA GLY A 547 -14.19 -8.73 39.79
C GLY A 547 -13.50 -9.10 41.10
N ALA A 548 -14.17 -9.91 41.91
CA ALA A 548 -13.65 -10.33 43.21
C ALA A 548 -12.85 -11.62 43.09
N ALA A 549 -13.33 -12.54 42.25
CA ALA A 549 -12.63 -13.81 42.06
C ALA A 549 -11.26 -13.55 41.43
N ASN B 22 2.98 -19.05 10.24
CA ASN B 22 2.07 -18.03 10.83
C ASN B 22 2.81 -17.07 11.78
N ALA B 23 4.09 -16.83 11.50
CA ALA B 23 4.90 -15.89 12.30
C ALA B 23 5.44 -14.86 11.30
N PRO B 24 5.59 -13.59 11.70
CA PRO B 24 6.09 -12.62 10.72
C PRO B 24 7.56 -12.74 10.31
N ILE B 25 7.79 -12.92 9.01
CA ILE B 25 9.14 -13.00 8.46
C ILE B 25 9.48 -11.56 8.12
N GLU B 26 10.50 -11.01 8.78
CA GLU B 26 10.87 -9.63 8.52
C GLU B 26 12.24 -9.52 7.87
N THR B 27 12.27 -8.91 6.69
CA THR B 27 13.51 -8.72 5.94
C THR B 27 13.66 -7.28 5.55
N ASP B 28 14.82 -6.92 5.01
CA ASP B 28 15.04 -5.53 4.60
C ASP B 28 14.36 -5.27 3.26
N VAL B 29 14.60 -6.14 2.29
CA VAL B 29 13.99 -5.94 0.99
C VAL B 29 13.30 -7.20 0.50
N LEU B 30 11.99 -7.09 0.31
CA LEU B 30 11.17 -8.19 -0.19
C LEU B 30 11.07 -8.00 -1.70
N ILE B 31 11.62 -8.96 -2.46
CA ILE B 31 11.57 -8.88 -3.91
C ILE B 31 10.45 -9.73 -4.48
N LEU B 32 9.38 -9.07 -4.90
CA LEU B 32 8.22 -9.73 -5.50
C LEU B 32 8.54 -10.11 -6.95
N GLY B 33 8.80 -11.39 -7.19
CA GLY B 33 9.13 -11.84 -8.53
C GLY B 33 10.45 -12.58 -8.63
N GLY B 34 10.42 -13.71 -9.32
CA GLY B 34 11.63 -14.52 -9.48
C GLY B 34 12.21 -14.48 -10.89
N GLY B 35 11.72 -13.55 -11.73
CA GLY B 35 12.22 -13.43 -13.09
C GLY B 35 13.68 -12.98 -13.11
N PRO B 36 14.32 -12.90 -14.30
CA PRO B 36 15.73 -12.48 -14.39
C PRO B 36 16.00 -11.18 -13.66
N VAL B 37 15.14 -10.19 -13.88
CA VAL B 37 15.32 -8.90 -13.22
C VAL B 37 15.22 -9.06 -11.69
N GLY B 38 14.10 -9.62 -11.23
CA GLY B 38 13.90 -9.82 -9.80
C GLY B 38 15.05 -10.60 -9.21
N MET B 39 15.64 -11.49 -9.99
CA MET B 39 16.77 -12.26 -9.52
C MET B 39 18.05 -11.44 -9.56
N ALA B 40 18.26 -10.71 -10.65
CA ALA B 40 19.46 -9.88 -10.79
C ALA B 40 19.51 -8.97 -9.56
N LEU B 41 18.36 -8.43 -9.19
CA LEU B 41 18.28 -7.54 -8.05
C LEU B 41 18.80 -8.27 -6.81
N ALA B 42 18.25 -9.46 -6.58
CA ALA B 42 18.66 -10.27 -5.43
C ALA B 42 20.17 -10.43 -5.46
N LEU B 43 20.71 -10.74 -6.63
CA LEU B 43 22.15 -10.92 -6.76
C LEU B 43 22.95 -9.69 -6.33
N ASP B 44 22.50 -8.50 -6.74
CA ASP B 44 23.22 -7.29 -6.37
C ASP B 44 23.10 -7.09 -4.87
N LEU B 45 21.87 -7.09 -4.37
CA LEU B 45 21.61 -6.92 -2.94
C LEU B 45 22.53 -7.84 -2.17
N ALA B 46 22.71 -9.04 -2.69
CA ALA B 46 23.59 -10.01 -2.04
C ALA B 46 25.01 -9.44 -1.88
N HIS B 47 25.61 -8.97 -2.97
CA HIS B 47 26.96 -8.43 -2.89
C HIS B 47 27.07 -7.19 -2.04
N ARG B 48 25.94 -6.54 -1.81
CA ARG B 48 25.94 -5.34 -0.99
C ARG B 48 25.49 -5.65 0.44
N GLN B 49 25.55 -6.94 0.79
CA GLN B 49 25.16 -7.38 2.12
C GLN B 49 23.77 -6.90 2.57
N VAL B 50 22.82 -6.80 1.64
CA VAL B 50 21.49 -6.35 2.03
C VAL B 50 20.52 -7.49 2.24
N GLY B 51 19.88 -7.51 3.41
CA GLY B 51 18.94 -8.57 3.71
C GLY B 51 17.76 -8.51 2.77
N HIS B 52 17.54 -9.59 2.03
CA HIS B 52 16.44 -9.67 1.08
C HIS B 52 15.94 -11.09 0.99
N LEU B 53 14.79 -11.25 0.34
CA LEU B 53 14.16 -12.54 0.18
C LEU B 53 13.38 -12.43 -1.13
N VAL B 54 13.34 -13.49 -1.91
CA VAL B 54 12.62 -13.43 -3.18
C VAL B 54 11.49 -14.46 -3.26
N VAL B 55 10.27 -14.01 -3.54
CA VAL B 55 9.16 -14.95 -3.66
C VAL B 55 8.70 -15.06 -5.11
N GLU B 56 8.66 -16.30 -5.60
CA GLU B 56 8.26 -16.61 -6.96
C GLU B 56 7.12 -17.62 -6.91
N GLN B 57 5.97 -17.28 -7.49
CA GLN B 57 4.83 -18.19 -7.45
C GLN B 57 5.04 -19.53 -8.17
N THR B 58 5.49 -19.49 -9.42
CA THR B 58 5.73 -20.73 -10.16
C THR B 58 6.78 -21.55 -9.40
N ASP B 59 6.94 -22.82 -9.77
CA ASP B 59 7.91 -23.65 -9.07
C ASP B 59 9.36 -23.26 -9.41
N GLY B 60 9.53 -22.40 -10.42
CA GLY B 60 10.85 -21.94 -10.78
C GLY B 60 11.41 -22.42 -12.10
N THR B 61 10.62 -23.18 -12.86
CA THR B 61 11.09 -23.70 -14.14
C THR B 61 10.43 -23.06 -15.35
N ILE B 62 11.17 -23.00 -16.45
CA ILE B 62 10.71 -22.40 -17.71
C ILE B 62 10.01 -23.35 -18.69
N THR B 63 8.81 -22.97 -19.12
CA THR B 63 8.05 -23.77 -20.09
C THR B 63 8.45 -23.27 -21.46
N HIS B 64 8.25 -21.97 -21.70
CA HIS B 64 8.63 -21.36 -22.97
C HIS B 64 9.76 -20.34 -22.74
N PRO B 65 11.00 -20.73 -23.03
CA PRO B 65 12.13 -19.82 -22.86
C PRO B 65 11.96 -18.55 -23.69
N ARG B 66 12.04 -17.40 -23.03
CA ARG B 66 11.91 -16.11 -23.73
C ARG B 66 13.29 -15.53 -23.97
N VAL B 67 13.98 -15.12 -22.91
CA VAL B 67 15.31 -14.54 -23.07
C VAL B 67 16.30 -15.53 -23.64
N GLY B 68 17.12 -15.06 -24.58
CA GLY B 68 18.11 -15.92 -25.17
C GLY B 68 19.47 -15.26 -25.20
N THR B 69 19.46 -13.94 -25.45
CA THR B 69 20.69 -13.18 -25.53
C THR B 69 20.99 -12.31 -24.32
N ILE B 70 22.14 -12.52 -23.72
CA ILE B 70 22.52 -11.73 -22.55
C ILE B 70 23.51 -10.62 -22.91
N GLY B 71 23.11 -9.37 -22.61
CA GLY B 71 23.91 -8.18 -22.92
C GLY B 71 25.31 -8.06 -22.35
N PRO B 72 26.29 -7.58 -23.16
CA PRO B 72 27.67 -7.43 -22.69
C PRO B 72 27.74 -6.71 -21.35
N ARG B 73 26.88 -5.71 -21.18
CA ARG B 73 26.82 -4.95 -19.94
C ARG B 73 26.22 -5.82 -18.83
N SER B 74 25.27 -6.66 -19.19
CA SER B 74 24.65 -7.54 -18.22
C SER B 74 25.67 -8.60 -17.81
N MET B 75 26.57 -8.94 -18.74
CA MET B 75 27.62 -9.90 -18.47
C MET B 75 28.71 -9.30 -17.58
N GLU B 76 28.91 -7.99 -17.66
CA GLU B 76 29.93 -7.35 -16.82
C GLU B 76 29.41 -7.37 -15.39
N LEU B 77 28.09 -7.24 -15.24
CA LEU B 77 27.49 -7.26 -13.92
C LEU B 77 27.56 -8.69 -13.38
N PHE B 78 27.22 -9.64 -14.21
CA PHE B 78 27.28 -11.02 -13.80
C PHE B 78 28.73 -11.39 -13.49
N ARG B 79 29.65 -10.66 -14.10
CA ARG B 79 31.08 -10.90 -13.89
C ARG B 79 31.40 -10.52 -12.46
N ARG B 80 30.82 -9.41 -12.02
CA ARG B 80 31.03 -8.93 -10.67
C ARG B 80 30.36 -9.89 -9.68
N TRP B 81 29.11 -10.26 -9.99
CA TRP B 81 28.33 -11.17 -9.15
C TRP B 81 28.79 -12.62 -9.27
N GLY B 82 29.85 -12.83 -10.03
CA GLY B 82 30.42 -14.16 -10.21
C GLY B 82 29.56 -15.29 -10.77
N VAL B 83 28.93 -15.07 -11.92
CA VAL B 83 28.12 -16.12 -12.54
C VAL B 83 28.24 -16.02 -14.05
N ALA B 84 29.21 -15.25 -14.51
CA ALA B 84 29.42 -15.06 -15.93
C ALA B 84 30.01 -16.32 -16.54
N LYS B 85 31.08 -16.83 -15.93
CA LYS B 85 31.72 -18.02 -16.45
C LYS B 85 30.65 -19.08 -16.71
N GLN B 86 29.80 -19.28 -15.72
CA GLN B 86 28.74 -20.27 -15.80
C GLN B 86 27.81 -20.04 -16.98
N ILE B 87 27.30 -18.83 -17.12
CA ILE B 87 26.39 -18.52 -18.22
C ILE B 87 27.03 -18.85 -19.55
N ARG B 88 28.30 -18.51 -19.73
CA ARG B 88 28.99 -18.78 -20.97
C ARG B 88 29.12 -20.25 -21.27
N THR B 89 29.31 -21.04 -20.22
CA THR B 89 29.47 -22.48 -20.35
C THR B 89 28.20 -23.24 -19.95
N ALA B 90 27.05 -22.60 -20.10
CA ALA B 90 25.79 -23.22 -19.74
C ALA B 90 25.34 -24.20 -20.81
N GLY B 91 26.02 -24.19 -21.96
CA GLY B 91 25.63 -25.10 -23.03
C GLY B 91 25.54 -24.61 -24.45
N TRP B 92 25.64 -23.31 -24.71
CA TRP B 92 25.58 -22.90 -26.10
C TRP B 92 26.87 -23.34 -26.83
N PRO B 93 26.73 -24.14 -27.90
CA PRO B 93 27.85 -24.63 -28.68
C PRO B 93 28.85 -23.54 -29.06
N GLY B 94 30.09 -23.71 -28.61
CA GLY B 94 31.11 -22.73 -28.92
C GLY B 94 31.31 -22.58 -30.42
N ASP B 95 31.08 -23.66 -31.14
CA ASP B 95 31.25 -23.64 -32.58
C ASP B 95 29.98 -23.31 -33.35
N HIS B 96 28.87 -23.10 -32.66
CA HIS B 96 27.64 -22.78 -33.35
C HIS B 96 27.77 -21.36 -33.87
N PRO B 97 27.37 -21.13 -35.14
CA PRO B 97 27.42 -19.81 -35.78
C PRO B 97 26.60 -18.79 -35.00
N LEU B 98 26.87 -17.51 -35.18
CA LEU B 98 26.12 -16.45 -34.50
C LEU B 98 25.46 -15.57 -35.56
N ASP B 99 25.53 -16.06 -36.79
CA ASP B 99 25.00 -15.39 -37.98
C ASP B 99 23.52 -15.06 -37.97
N ALA B 100 23.16 -14.05 -38.75
CA ALA B 100 21.78 -13.62 -38.91
C ALA B 100 21.55 -13.65 -40.42
N ALA B 101 20.75 -14.60 -40.88
CA ALA B 101 20.50 -14.70 -42.30
C ALA B 101 19.05 -14.43 -42.68
N TRP B 102 18.86 -13.85 -43.86
CA TRP B 102 17.52 -13.57 -44.36
C TRP B 102 17.24 -14.57 -45.47
N VAL B 103 16.26 -15.44 -45.25
CA VAL B 103 15.92 -16.44 -46.23
C VAL B 103 14.44 -16.46 -46.55
N THR B 104 14.13 -16.97 -47.75
CA THR B 104 12.76 -17.08 -48.26
C THR B 104 12.03 -18.15 -47.49
N ARG B 105 12.82 -19.13 -47.05
CA ARG B 105 12.32 -20.26 -46.31
C ARG B 105 13.58 -20.85 -45.70
N VAL B 106 13.55 -21.22 -44.43
CA VAL B 106 14.73 -21.78 -43.81
C VAL B 106 15.10 -23.04 -44.56
N GLY B 107 16.23 -22.99 -45.27
CA GLY B 107 16.68 -24.13 -46.05
C GLY B 107 16.28 -23.93 -47.50
N GLY B 108 15.83 -22.72 -47.80
CA GLY B 108 15.42 -22.38 -49.16
C GLY B 108 16.34 -21.32 -49.71
N HIS B 109 15.78 -20.37 -50.45
CA HIS B 109 16.59 -19.31 -51.05
C HIS B 109 17.05 -18.22 -50.08
N GLU B 110 18.36 -18.24 -49.80
CA GLU B 110 19.00 -17.26 -48.92
C GLU B 110 19.15 -15.91 -49.62
N VAL B 111 18.69 -14.86 -48.96
CA VAL B 111 18.73 -13.52 -49.52
C VAL B 111 19.91 -12.68 -49.05
N TYR B 112 20.17 -12.66 -47.75
CA TYR B 112 21.25 -11.85 -47.21
C TYR B 112 21.75 -12.45 -45.91
N ARG B 113 23.03 -12.26 -45.61
CA ARG B 113 23.59 -12.82 -44.39
C ARG B 113 24.65 -11.96 -43.74
N ILE B 114 24.53 -11.81 -42.43
CA ILE B 114 25.49 -11.06 -41.64
C ILE B 114 26.31 -12.09 -40.89
N PRO B 115 27.54 -12.38 -41.36
CA PRO B 115 28.33 -13.39 -40.64
C PRO B 115 28.85 -12.80 -39.34
N LEU B 116 28.67 -13.54 -38.24
CA LEU B 116 29.11 -13.07 -36.94
C LEU B 116 29.95 -14.09 -36.18
N GLY B 117 30.63 -14.96 -36.93
CA GLY B 117 31.49 -15.96 -36.32
C GLY B 117 30.86 -16.84 -35.26
N THR B 118 31.69 -17.40 -34.39
CA THR B 118 31.17 -18.26 -33.34
C THR B 118 31.74 -17.81 -32.00
N ALA B 119 31.09 -18.22 -30.91
CA ALA B 119 31.57 -17.85 -29.59
C ALA B 119 33.08 -18.03 -29.53
N ASP B 120 33.53 -19.26 -29.75
CA ASP B 120 34.95 -19.60 -29.71
C ASP B 120 35.80 -18.98 -30.83
N THR B 121 35.19 -18.27 -31.77
CA THR B 121 35.97 -17.74 -32.87
C THR B 121 36.04 -16.24 -33.08
N ARG B 122 34.98 -15.52 -32.71
CA ARG B 122 34.93 -14.08 -32.93
C ARG B 122 35.98 -13.29 -32.19
N ALA B 123 36.40 -12.19 -32.83
CA ALA B 123 37.42 -11.32 -32.24
C ALA B 123 36.90 -10.81 -30.91
N THR B 124 37.74 -10.94 -29.90
CA THR B 124 37.42 -10.51 -28.55
C THR B 124 36.97 -9.05 -28.56
N PRO B 125 36.12 -8.64 -27.61
CA PRO B 125 35.67 -7.24 -27.59
C PRO B 125 36.87 -6.35 -27.29
N GLU B 126 36.65 -5.08 -26.95
CA GLU B 126 37.77 -4.18 -26.67
C GLU B 126 37.38 -3.12 -25.66
N HIS B 127 36.17 -2.62 -25.81
CA HIS B 127 35.62 -1.60 -24.93
C HIS B 127 34.89 -2.26 -23.77
N THR B 128 35.11 -3.57 -23.60
CA THR B 128 34.50 -4.34 -22.53
C THR B 128 35.20 -5.66 -22.34
N PRO B 129 35.23 -6.15 -21.11
CA PRO B 129 35.88 -7.44 -20.87
C PRO B 129 34.88 -8.58 -21.03
N GLU B 130 33.60 -8.28 -21.22
CA GLU B 130 32.56 -9.31 -21.33
C GLU B 130 31.70 -9.25 -22.61
N PRO B 131 32.06 -10.03 -23.63
CA PRO B 131 31.23 -9.99 -24.85
C PRO B 131 29.86 -10.63 -24.55
N ASP B 132 28.83 -10.21 -25.28
CA ASP B 132 27.47 -10.74 -25.07
C ASP B 132 27.47 -12.25 -25.15
N ALA B 133 26.62 -12.89 -24.37
CA ALA B 133 26.56 -14.34 -24.35
C ALA B 133 25.20 -14.83 -24.77
N ILE B 134 25.14 -16.10 -25.16
CA ILE B 134 23.86 -16.70 -25.52
C ILE B 134 23.54 -17.72 -24.46
N CYS B 135 22.36 -17.64 -23.88
CA CYS B 135 22.04 -18.58 -22.84
C CYS B 135 20.55 -18.64 -22.67
N PRO B 136 19.88 -19.53 -23.42
CA PRO B 136 18.42 -19.66 -23.33
C PRO B 136 17.95 -19.65 -21.87
N GLN B 137 16.82 -18.99 -21.65
CA GLN B 137 16.23 -18.83 -20.32
C GLN B 137 16.16 -20.09 -19.46
N HIS B 138 15.83 -21.23 -20.05
CA HIS B 138 15.75 -22.42 -19.22
C HIS B 138 17.08 -22.86 -18.64
N TRP B 139 18.21 -22.47 -19.23
CA TRP B 139 19.50 -22.83 -18.63
C TRP B 139 19.92 -21.67 -17.71
N LEU B 140 19.42 -20.48 -18.03
CA LEU B 140 19.73 -19.28 -17.26
C LEU B 140 19.04 -19.31 -15.91
N ALA B 141 17.72 -19.52 -15.94
CA ALA B 141 16.91 -19.57 -14.74
C ALA B 141 17.58 -20.38 -13.63
N PRO B 142 17.92 -21.64 -13.90
CA PRO B 142 18.57 -22.52 -12.91
C PRO B 142 19.82 -21.88 -12.34
N LEU B 143 20.70 -21.45 -13.24
CA LEU B 143 21.97 -20.83 -12.87
C LEU B 143 21.76 -19.73 -11.84
N LEU B 144 20.82 -18.84 -12.11
CA LEU B 144 20.55 -17.76 -11.21
C LEU B 144 20.00 -18.28 -9.91
N ALA B 145 19.02 -19.17 -9.99
CA ALA B 145 18.42 -19.77 -8.79
C ALA B 145 19.51 -20.22 -7.86
N GLU B 146 20.53 -20.84 -8.41
CA GLU B 146 21.63 -21.31 -7.60
C GLU B 146 22.31 -20.13 -6.91
N ALA B 147 22.85 -19.20 -7.68
CA ALA B 147 23.53 -18.04 -7.12
C ALA B 147 22.70 -17.37 -6.03
N VAL B 148 21.38 -17.28 -6.23
CA VAL B 148 20.52 -16.65 -5.23
C VAL B 148 20.38 -17.50 -3.99
N GLY B 149 20.50 -18.79 -4.17
CA GLY B 149 20.42 -19.70 -3.05
C GLY B 149 19.12 -19.73 -2.27
N GLU B 150 19.27 -19.97 -0.98
CA GLU B 150 18.15 -20.08 -0.05
C GLU B 150 17.16 -18.91 -0.10
N ARG B 151 17.66 -17.70 -0.31
CA ARG B 151 16.78 -16.55 -0.35
C ARG B 151 15.66 -16.57 -1.39
N LEU B 152 15.64 -17.60 -2.25
CA LEU B 152 14.58 -17.69 -3.26
C LEU B 152 13.45 -18.61 -2.81
N ARG B 153 12.24 -18.07 -2.75
CA ARG B 153 11.07 -18.83 -2.33
C ARG B 153 10.17 -19.14 -3.49
N THR B 154 10.29 -20.35 -4.02
CA THR B 154 9.46 -20.78 -5.13
C THR B 154 8.11 -21.29 -4.63
N ARG B 155 7.13 -21.29 -5.52
CA ARG B 155 5.80 -21.72 -5.18
C ARG B 155 5.28 -20.86 -4.03
N SER B 156 5.57 -19.56 -4.10
CA SER B 156 5.14 -18.59 -3.10
C SER B 156 4.49 -17.44 -3.85
N ARG B 157 3.21 -17.19 -3.60
CA ARG B 157 2.51 -16.11 -4.28
C ARG B 157 2.15 -14.92 -3.39
N LEU B 158 2.38 -13.71 -3.89
CA LEU B 158 2.05 -12.52 -3.12
C LEU B 158 0.59 -12.29 -3.39
N ASP B 159 -0.22 -12.25 -2.34
CA ASP B 159 -1.66 -12.04 -2.48
C ASP B 159 -2.04 -10.57 -2.27
N SER B 160 -1.34 -9.88 -1.38
CA SER B 160 -1.64 -8.48 -1.12
C SER B 160 -0.52 -7.84 -0.33
N PHE B 161 -0.55 -6.52 -0.27
CA PHE B 161 0.47 -5.79 0.49
C PHE B 161 -0.14 -4.46 0.91
N GLU B 162 0.44 -3.86 1.95
CA GLU B 162 -0.05 -2.57 2.43
C GLU B 162 1.10 -1.80 3.06
N GLN B 163 1.33 -0.60 2.57
CA GLN B 163 2.43 0.20 3.09
C GLN B 163 2.11 0.77 4.46
N ARG B 164 3.12 0.78 5.32
CA ARG B 164 2.95 1.34 6.64
C ARG B 164 3.81 2.59 6.68
N ASP B 165 3.75 3.32 7.78
CA ASP B 165 4.52 4.54 7.92
C ASP B 165 6.00 4.35 7.60
N ASP B 166 6.55 3.17 7.88
CA ASP B 166 7.97 2.94 7.63
C ASP B 166 8.34 1.52 7.17
N HIS B 167 7.40 0.82 6.57
CA HIS B 167 7.65 -0.53 6.09
C HIS B 167 6.43 -1.03 5.33
N VAL B 168 6.61 -2.11 4.58
CA VAL B 168 5.52 -2.69 3.81
C VAL B 168 5.22 -4.06 4.36
N ARG B 169 3.94 -4.42 4.37
CA ARG B 169 3.53 -5.72 4.85
C ARG B 169 2.83 -6.45 3.72
N ALA B 170 3.24 -7.69 3.49
CA ALA B 170 2.62 -8.47 2.43
C ALA B 170 2.22 -9.85 2.93
N THR B 171 1.27 -10.45 2.23
CA THR B 171 0.77 -11.77 2.56
C THR B 171 1.17 -12.71 1.44
N ILE B 172 1.89 -13.77 1.77
CA ILE B 172 2.34 -14.75 0.79
C ILE B 172 1.74 -16.12 1.09
N THR B 173 1.23 -16.76 0.05
CA THR B 173 0.64 -18.09 0.14
C THR B 173 1.67 -19.13 -0.30
N ASP B 174 1.86 -20.16 0.53
CA ASP B 174 2.83 -21.21 0.23
C ASP B 174 2.17 -22.30 -0.59
N LEU B 175 1.80 -21.96 -1.82
CA LEU B 175 1.14 -22.85 -2.77
C LEU B 175 1.33 -24.38 -2.67
N ARG B 176 2.42 -24.90 -2.12
CA ARG B 176 2.50 -26.35 -2.04
C ARG B 176 1.86 -26.75 -0.70
N THR B 177 0.91 -25.93 -0.23
CA THR B 177 0.25 -26.17 1.05
C THR B 177 -1.15 -25.61 1.03
N GLY B 178 -1.25 -24.32 0.70
CA GLY B 178 -2.51 -23.62 0.69
C GLY B 178 -2.37 -22.63 1.83
N ALA B 179 -1.39 -22.90 2.68
CA ALA B 179 -1.08 -22.08 3.84
C ALA B 179 -0.63 -20.68 3.43
N THR B 180 -0.53 -19.78 4.40
CA THR B 180 -0.10 -18.41 4.13
C THR B 180 0.68 -17.83 5.30
N ARG B 181 1.48 -16.79 5.02
CA ARG B 181 2.29 -16.15 6.04
C ARG B 181 2.51 -14.66 5.71
N ALA B 182 3.14 -13.91 6.63
CA ALA B 182 3.38 -12.49 6.42
C ALA B 182 4.85 -12.14 6.31
N VAL B 183 5.16 -11.16 5.48
CA VAL B 183 6.53 -10.69 5.28
C VAL B 183 6.57 -9.21 5.61
N HIS B 184 7.44 -8.82 6.53
CA HIS B 184 7.55 -7.43 6.92
C HIS B 184 8.88 -6.90 6.41
N ALA B 185 8.86 -6.33 5.21
CA ALA B 185 10.06 -5.79 4.60
C ALA B 185 10.07 -4.29 4.72
N ARG B 186 11.26 -3.69 4.64
CA ARG B 186 11.37 -2.25 4.70
C ARG B 186 11.08 -1.63 3.35
N TYR B 187 11.26 -2.42 2.29
CA TYR B 187 10.99 -1.96 0.94
C TYR B 187 10.40 -3.12 0.13
N LEU B 188 9.53 -2.80 -0.81
CA LEU B 188 8.91 -3.82 -1.65
C LEU B 188 9.22 -3.50 -3.11
N VAL B 189 10.11 -4.29 -3.70
CA VAL B 189 10.46 -4.12 -5.11
C VAL B 189 9.62 -5.12 -5.91
N ALA B 190 8.71 -4.58 -6.71
CA ALA B 190 7.83 -5.42 -7.54
C ALA B 190 8.44 -5.71 -8.92
N CYS B 191 8.81 -6.96 -9.17
CA CYS B 191 9.35 -7.34 -10.47
C CYS B 191 8.40 -8.38 -11.00
N ASP B 192 7.11 -8.09 -10.83
CA ASP B 192 6.06 -9.01 -11.24
C ASP B 192 5.76 -9.10 -12.72
N GLY B 193 6.65 -8.56 -13.56
CA GLY B 193 6.44 -8.64 -14.99
C GLY B 193 5.63 -7.52 -15.64
N ALA B 194 5.34 -7.68 -16.93
CA ALA B 194 4.59 -6.67 -17.67
C ALA B 194 3.15 -6.40 -17.20
N SER B 195 2.38 -7.46 -16.98
CA SER B 195 1.00 -7.31 -16.53
C SER B 195 1.00 -6.75 -15.11
N SER B 196 2.20 -6.66 -14.55
CA SER B 196 2.43 -6.17 -13.20
C SER B 196 1.19 -5.75 -12.42
N PRO B 197 0.65 -6.68 -11.62
CA PRO B 197 -0.52 -6.38 -10.81
C PRO B 197 -0.17 -5.30 -9.80
N THR B 198 1.02 -5.36 -9.23
CA THR B 198 1.44 -4.35 -8.26
C THR B 198 1.26 -2.97 -8.85
N ARG B 199 1.74 -2.78 -10.08
CA ARG B 199 1.64 -1.48 -10.74
C ARG B 199 0.19 -1.00 -10.79
N LYS B 200 -0.72 -1.86 -11.25
CA LYS B 200 -2.13 -1.49 -11.33
C LYS B 200 -2.64 -1.16 -9.93
N ALA B 201 -2.26 -1.97 -8.95
CA ALA B 201 -2.69 -1.75 -7.57
C ALA B 201 -2.34 -0.32 -7.12
N LEU B 202 -1.08 0.07 -7.27
CA LEU B 202 -0.65 1.43 -6.87
C LEU B 202 -1.36 2.48 -7.73
N GLY B 203 -2.01 2.02 -8.80
CA GLY B 203 -2.71 2.92 -9.70
C GLY B 203 -1.79 3.67 -10.65
N ILE B 204 -0.67 3.07 -11.03
CA ILE B 204 0.26 3.71 -11.96
C ILE B 204 0.05 3.18 -13.36
N ASP B 205 -0.10 4.06 -14.34
CA ASP B 205 -0.33 3.62 -15.72
C ASP B 205 0.92 3.58 -16.60
N ALA B 206 0.99 2.59 -17.48
CA ALA B 206 2.11 2.42 -18.39
C ALA B 206 1.58 2.47 -19.82
N PRO B 207 1.17 3.65 -20.28
CA PRO B 207 0.62 3.90 -21.61
C PRO B 207 1.49 3.48 -22.79
N PRO B 208 0.87 2.93 -23.84
CA PRO B 208 1.53 2.47 -25.06
C PRO B 208 2.23 3.63 -25.76
N ARG B 209 3.44 3.38 -26.24
CA ARG B 209 4.20 4.41 -26.94
C ARG B 209 4.33 4.03 -28.40
N HIS B 210 3.70 2.91 -28.75
CA HIS B 210 3.69 2.37 -30.10
C HIS B 210 2.63 1.29 -30.16
N ARG B 211 2.08 1.09 -31.34
CA ARG B 211 1.03 0.10 -31.47
C ARG B 211 1.36 -1.26 -30.91
N THR B 212 0.39 -1.81 -30.19
CA THR B 212 0.53 -3.13 -29.57
C THR B 212 0.31 -4.18 -30.67
N GLN B 213 1.26 -5.10 -30.82
CA GLN B 213 1.14 -6.15 -31.82
C GLN B 213 0.99 -7.54 -31.19
N VAL B 214 0.51 -8.49 -31.98
CA VAL B 214 0.32 -9.85 -31.53
C VAL B 214 1.10 -10.85 -32.36
N PHE B 215 1.77 -11.76 -31.69
CA PHE B 215 2.56 -12.81 -32.33
C PHE B 215 2.31 -14.16 -31.66
N ARG B 216 2.77 -15.20 -32.32
CA ARG B 216 2.66 -16.54 -31.79
C ARG B 216 4.08 -17.09 -31.81
N ASN B 217 4.52 -17.64 -30.68
CA ASN B 217 5.85 -18.21 -30.61
C ASN B 217 5.75 -19.72 -30.56
N ILE B 218 6.22 -20.37 -31.62
CA ILE B 218 6.18 -21.82 -31.67
C ILE B 218 7.55 -22.39 -31.33
N LEU B 219 7.62 -23.10 -30.19
CA LEU B 219 8.86 -23.70 -29.70
C LEU B 219 8.88 -25.16 -30.16
N PHE B 220 9.86 -25.56 -30.94
CA PHE B 220 9.89 -26.94 -31.42
C PHE B 220 11.29 -27.57 -31.48
N ARG B 221 11.33 -28.89 -31.42
CA ARG B 221 12.61 -29.62 -31.51
C ARG B 221 12.79 -30.11 -32.96
N ALA B 222 14.04 -30.16 -33.42
CA ALA B 222 14.32 -30.59 -34.77
C ALA B 222 15.77 -31.05 -34.77
N PRO B 223 15.99 -32.25 -34.20
CA PRO B 223 17.28 -32.92 -34.06
C PRO B 223 18.23 -32.90 -35.26
N GLU B 224 17.69 -32.88 -36.48
CA GLU B 224 18.56 -32.92 -37.64
C GLU B 224 18.64 -31.64 -38.47
N LEU B 225 17.98 -30.58 -38.01
CA LEU B 225 17.97 -29.33 -38.74
C LEU B 225 19.34 -28.66 -38.89
N ARG B 226 20.13 -28.61 -37.80
CA ARG B 226 21.45 -28.00 -37.90
C ARG B 226 22.35 -28.83 -38.78
N SER B 227 22.14 -30.14 -38.76
CA SER B 227 22.97 -31.01 -39.56
C SER B 227 22.55 -30.92 -41.03
N LEU B 228 21.28 -30.67 -41.30
CA LEU B 228 20.84 -30.54 -42.68
C LEU B 228 21.34 -29.19 -43.21
N LEU B 229 21.42 -28.21 -42.31
CA LEU B 229 21.85 -26.88 -42.66
C LEU B 229 23.34 -26.82 -42.98
N GLY B 230 24.14 -27.46 -42.15
CA GLY B 230 25.57 -27.42 -42.38
C GLY B 230 26.11 -26.00 -42.29
N GLU B 231 26.93 -25.64 -43.27
CA GLU B 231 27.54 -24.31 -43.33
C GLU B 231 26.52 -23.19 -43.25
N ARG B 232 25.31 -23.47 -43.74
CA ARG B 232 24.23 -22.50 -43.73
C ARG B 232 23.66 -22.20 -42.34
N ALA B 233 24.07 -23.00 -41.35
CA ALA B 233 23.61 -22.81 -39.98
C ALA B 233 23.58 -21.33 -39.60
N ALA B 234 22.71 -20.96 -38.67
CA ALA B 234 22.62 -19.56 -38.25
C ALA B 234 21.88 -19.39 -36.91
N LEU B 235 22.13 -18.28 -36.22
CA LEU B 235 21.46 -18.02 -34.95
C LEU B 235 20.05 -17.51 -35.20
N PHE B 236 19.91 -16.58 -36.14
CA PHE B 236 18.61 -16.00 -36.48
C PHE B 236 18.30 -16.17 -37.95
N PHE B 237 17.06 -16.54 -38.25
CA PHE B 237 16.62 -16.69 -39.61
C PHE B 237 15.43 -15.79 -39.76
N PHE B 238 15.61 -14.64 -40.39
CA PHE B 238 14.46 -13.78 -40.61
C PHE B 238 13.84 -14.33 -41.88
N LEU B 239 12.59 -14.77 -41.77
CA LEU B 239 11.93 -15.32 -42.94
C LEU B 239 11.22 -14.26 -43.78
N MET B 240 11.37 -14.36 -45.10
CA MET B 240 10.73 -13.45 -46.01
C MET B 240 9.77 -14.30 -46.85
N LEU B 241 8.68 -14.71 -46.20
CA LEU B 241 7.71 -15.58 -46.86
C LEU B 241 6.25 -15.07 -46.86
N SER B 242 5.88 -14.24 -45.89
CA SER B 242 4.50 -13.76 -45.85
C SER B 242 4.28 -12.65 -44.84
N SER B 243 3.03 -12.22 -44.69
CA SER B 243 2.71 -11.15 -43.77
C SER B 243 2.87 -11.62 -42.34
N SER B 244 2.53 -12.88 -42.10
CA SER B 244 2.65 -13.45 -40.77
C SER B 244 3.95 -14.20 -40.61
N LEU B 245 4.47 -14.69 -41.72
CA LEU B 245 5.73 -15.42 -41.71
C LEU B 245 6.88 -14.63 -42.34
N ARG B 246 7.19 -13.51 -41.71
CA ARG B 246 8.26 -12.63 -42.14
C ARG B 246 9.06 -12.26 -40.91
N PHE B 247 9.07 -13.18 -39.96
CA PHE B 247 9.79 -12.95 -38.71
C PHE B 247 10.91 -13.95 -38.48
N PRO B 248 11.68 -13.77 -37.41
CA PRO B 248 12.78 -14.69 -37.17
C PRO B 248 12.48 -16.03 -36.52
N LEU B 249 13.29 -17.01 -36.89
CA LEU B 249 13.22 -18.36 -36.37
C LEU B 249 14.63 -18.48 -35.79
N ARG B 250 14.74 -18.53 -34.46
CA ARG B 250 16.07 -18.59 -33.86
C ARG B 250 16.41 -19.85 -33.11
N ALA B 251 17.69 -20.21 -33.15
CA ALA B 251 18.20 -21.38 -32.46
C ALA B 251 18.34 -21.03 -30.97
N LEU B 252 17.57 -21.70 -30.13
CA LEU B 252 17.57 -21.46 -28.70
C LEU B 252 18.77 -22.00 -27.94
N ASP B 253 19.21 -23.20 -28.29
CA ASP B 253 20.35 -23.81 -27.61
C ASP B 253 21.37 -24.40 -28.58
N GLY B 254 21.18 -24.12 -29.87
CA GLY B 254 22.09 -24.62 -30.89
C GLY B 254 22.24 -26.13 -30.84
N ARG B 255 21.24 -26.79 -30.25
CA ARG B 255 21.29 -28.22 -30.12
C ARG B 255 19.99 -28.92 -30.51
N GLY B 256 19.17 -28.27 -31.32
CA GLY B 256 17.92 -28.90 -31.74
C GLY B 256 16.67 -28.14 -31.36
N LEU B 257 16.80 -27.19 -30.43
CA LEU B 257 15.66 -26.40 -29.99
C LEU B 257 15.59 -25.08 -30.78
N TYR B 258 14.44 -24.81 -31.40
CA TYR B 258 14.26 -23.58 -32.17
C TYR B 258 12.93 -22.91 -31.83
N ARG B 259 12.76 -21.69 -32.31
CA ARG B 259 11.53 -20.96 -32.04
C ARG B 259 11.16 -20.09 -33.25
N LEU B 260 10.04 -20.41 -33.88
CA LEU B 260 9.58 -19.66 -35.05
C LEU B 260 8.50 -18.71 -34.64
N THR B 261 8.81 -17.42 -34.56
CA THR B 261 7.80 -16.45 -34.19
C THR B 261 7.03 -16.05 -35.44
N VAL B 262 5.71 -16.10 -35.34
CA VAL B 262 4.85 -15.76 -36.46
C VAL B 262 3.82 -14.68 -36.11
N GLY B 263 3.62 -13.76 -37.06
CA GLY B 263 2.66 -12.69 -36.86
C GLY B 263 1.21 -13.13 -37.00
N VAL B 264 0.27 -12.30 -36.55
CA VAL B 264 -1.13 -12.66 -36.64
C VAL B 264 -1.97 -11.47 -37.12
N ASP B 265 -3.14 -11.78 -37.66
CA ASP B 265 -4.07 -10.75 -38.17
C ASP B 265 -5.55 -10.97 -37.76
N ASP B 266 -5.83 -10.92 -36.46
CA ASP B 266 -7.18 -11.13 -35.92
C ASP B 266 -8.20 -11.52 -37.01
N THR B 271 -7.13 -19.49 -37.45
CA THR B 271 -5.67 -19.54 -37.40
C THR B 271 -5.12 -20.82 -38.03
N MET B 272 -3.86 -20.77 -38.44
CA MET B 272 -3.15 -21.90 -39.04
C MET B 272 -2.77 -22.90 -37.96
N ASP B 273 -2.18 -24.02 -38.38
CA ASP B 273 -1.77 -25.08 -37.47
C ASP B 273 -0.28 -24.99 -37.09
N SER B 274 0.03 -25.25 -35.83
CA SER B 274 1.41 -25.19 -35.34
C SER B 274 2.38 -25.89 -36.28
N PHE B 275 2.28 -27.21 -36.35
CA PHE B 275 3.16 -28.00 -37.19
C PHE B 275 3.09 -27.54 -38.64
N GLU B 276 1.96 -26.97 -39.04
CA GLU B 276 1.85 -26.50 -40.42
C GLU B 276 2.76 -25.33 -40.66
N LEU B 277 2.69 -24.35 -39.75
CA LEU B 277 3.51 -23.15 -39.83
C LEU B 277 5.01 -23.51 -39.87
N VAL B 278 5.45 -24.37 -38.96
CA VAL B 278 6.86 -24.74 -38.94
C VAL B 278 7.25 -25.33 -40.29
N ARG B 279 6.36 -26.15 -40.85
CA ARG B 279 6.61 -26.79 -42.14
C ARG B 279 6.70 -25.74 -43.21
N ARG B 280 5.83 -24.75 -43.13
CA ARG B 280 5.84 -23.68 -44.11
C ARG B 280 7.20 -23.03 -44.09
N ALA B 281 7.76 -22.87 -42.88
CA ALA B 281 9.04 -22.20 -42.70
C ALA B 281 10.29 -23.01 -42.98
N VAL B 282 10.21 -24.33 -42.90
CA VAL B 282 11.39 -25.16 -43.12
C VAL B 282 11.36 -26.09 -44.34
N ALA B 283 12.14 -25.72 -45.36
CA ALA B 283 12.21 -26.50 -46.60
C ALA B 283 12.50 -27.99 -46.41
N PHE B 284 13.33 -28.31 -45.43
CA PHE B 284 13.68 -29.70 -45.17
C PHE B 284 12.52 -30.54 -44.65
N ASP B 285 12.54 -31.82 -44.99
CA ASP B 285 11.52 -32.76 -44.52
C ASP B 285 12.22 -33.56 -43.43
N THR B 286 12.32 -32.98 -42.24
CA THR B 286 12.99 -33.62 -41.13
C THR B 286 12.09 -33.65 -39.90
N GLU B 287 12.45 -34.49 -38.93
CA GLU B 287 11.68 -34.61 -37.70
C GLU B 287 11.38 -33.25 -37.12
N ILE B 288 10.14 -33.04 -36.71
CA ILE B 288 9.73 -31.76 -36.14
C ILE B 288 8.71 -31.98 -35.03
N GLU B 289 9.15 -31.77 -33.80
CA GLU B 289 8.31 -31.95 -32.62
C GLU B 289 7.91 -30.61 -32.00
N VAL B 290 6.66 -30.21 -32.20
CA VAL B 290 6.16 -28.96 -31.64
C VAL B 290 5.93 -29.10 -30.14
N LEU B 291 6.53 -28.21 -29.36
CA LEU B 291 6.41 -28.24 -27.90
C LEU B 291 5.44 -27.22 -27.29
N SER B 292 5.36 -26.04 -27.88
CA SER B 292 4.48 -24.99 -27.36
C SER B 292 4.00 -24.15 -28.51
N ASP B 293 2.95 -23.35 -28.27
CA ASP B 293 2.43 -22.46 -29.30
C ASP B 293 1.86 -21.23 -28.61
N SER B 294 2.51 -20.84 -27.52
CA SER B 294 2.10 -19.68 -26.75
C SER B 294 1.99 -18.40 -27.56
N GLU B 295 0.92 -17.64 -27.32
CA GLU B 295 0.67 -16.38 -28.00
C GLU B 295 1.11 -15.20 -27.09
N TRP B 296 1.72 -14.19 -27.67
CA TRP B 296 2.15 -13.04 -26.87
C TRP B 296 1.90 -11.70 -27.55
N HIS B 297 1.81 -10.68 -26.72
CA HIS B 297 1.57 -9.31 -27.16
C HIS B 297 2.84 -8.48 -27.10
N LEU B 298 3.16 -7.79 -28.19
CA LEU B 298 4.33 -6.95 -28.21
C LEU B 298 3.85 -5.60 -27.68
N THR B 299 4.42 -5.17 -26.57
CA THR B 299 4.02 -3.89 -25.99
C THR B 299 5.20 -2.93 -25.86
N HIS B 300 4.90 -1.64 -26.01
CA HIS B 300 5.92 -0.60 -25.88
C HIS B 300 5.41 0.32 -24.77
N ARG B 301 5.57 -0.10 -23.51
CA ARG B 301 5.08 0.75 -22.43
C ARG B 301 5.96 0.92 -21.21
N VAL B 302 6.13 2.17 -20.80
CA VAL B 302 6.92 2.54 -19.64
C VAL B 302 5.95 3.14 -18.65
N ALA B 303 6.22 2.96 -17.36
CA ALA B 303 5.35 3.45 -16.30
C ALA B 303 5.48 4.93 -16.02
N ASP B 304 4.35 5.60 -15.80
CA ASP B 304 4.36 7.03 -15.51
C ASP B 304 5.32 7.24 -14.35
N SER B 305 5.20 6.42 -13.31
CA SER B 305 6.09 6.55 -12.18
C SER B 305 6.74 5.21 -11.88
N PHE B 306 7.96 5.23 -11.35
CA PHE B 306 8.71 4.02 -11.04
C PHE B 306 8.61 3.57 -9.60
N SER B 307 7.81 4.28 -8.81
CA SER B 307 7.64 3.92 -7.41
C SER B 307 6.51 4.68 -6.75
N ALA B 308 6.13 4.22 -5.56
CA ALA B 308 5.08 4.84 -4.79
C ALA B 308 5.34 4.49 -3.33
N GLY B 309 6.04 5.39 -2.64
CA GLY B 309 6.35 5.14 -1.24
C GLY B 309 7.45 4.12 -1.13
N ARG B 310 7.30 3.16 -0.22
CA ARG B 310 8.31 2.13 -0.05
C ARG B 310 8.13 0.96 -1.04
N VAL B 311 7.27 1.17 -2.05
CA VAL B 311 7.02 0.16 -3.07
C VAL B 311 7.60 0.66 -4.41
N PHE B 312 8.37 -0.20 -5.09
CA PHE B 312 9.01 0.13 -6.36
C PHE B 312 8.69 -0.84 -7.50
N LEU B 313 9.01 -0.44 -8.73
CA LEU B 313 8.80 -1.25 -9.91
C LEU B 313 10.15 -1.49 -10.60
N THR B 314 10.35 -2.68 -11.16
CA THR B 314 11.60 -2.99 -11.85
C THR B 314 11.43 -4.08 -12.88
N GLY B 315 12.12 -3.95 -14.01
CA GLY B 315 12.00 -4.92 -15.08
C GLY B 315 10.80 -4.53 -15.92
N ASP B 316 10.18 -5.51 -16.57
CA ASP B 316 8.99 -5.25 -17.39
C ASP B 316 7.89 -4.55 -16.62
N ALA B 317 7.89 -4.71 -15.31
CA ALA B 317 6.88 -4.07 -14.48
C ALA B 317 7.04 -2.55 -14.58
N ALA B 318 8.29 -2.10 -14.71
CA ALA B 318 8.61 -0.67 -14.81
C ALA B 318 8.73 -0.20 -16.25
N HIS B 319 9.28 -1.05 -17.10
CA HIS B 319 9.46 -0.72 -18.51
C HIS B 319 9.57 -1.98 -19.36
N THR B 320 8.61 -2.15 -20.24
CA THR B 320 8.62 -3.29 -21.14
C THR B 320 8.62 -2.76 -22.57
N LEU B 321 9.60 -3.20 -23.36
CA LEU B 321 9.72 -2.77 -24.74
C LEU B 321 9.79 -3.93 -25.74
N SER B 322 10.02 -3.62 -27.01
CA SER B 322 10.08 -4.66 -28.03
C SER B 322 11.28 -5.57 -27.87
N PRO B 323 11.08 -6.89 -28.06
CA PRO B 323 12.15 -7.89 -27.94
C PRO B 323 13.19 -7.80 -29.05
N SER B 324 12.96 -6.93 -30.03
CA SER B 324 13.88 -6.77 -31.15
C SER B 324 15.25 -6.31 -30.63
N GLY B 325 16.30 -7.02 -31.02
CA GLY B 325 17.63 -6.66 -30.55
C GLY B 325 17.84 -7.06 -29.11
N GLY B 326 16.79 -7.63 -28.50
CA GLY B 326 16.86 -8.09 -27.13
C GLY B 326 17.39 -7.13 -26.10
N PHE B 327 16.63 -6.07 -25.81
CA PHE B 327 17.07 -5.11 -24.81
C PHE B 327 16.30 -5.25 -23.51
N GLY B 328 15.11 -5.83 -23.60
CA GLY B 328 14.26 -6.03 -22.43
C GLY B 328 14.89 -6.40 -21.09
N MET B 329 15.28 -7.65 -20.92
CA MET B 329 15.87 -8.05 -19.65
C MET B 329 17.06 -7.20 -19.31
N ASN B 330 17.97 -7.05 -20.28
CA ASN B 330 19.19 -6.26 -20.10
C ASN B 330 18.90 -4.88 -19.56
N THR B 331 17.86 -4.23 -20.08
CA THR B 331 17.51 -2.91 -19.58
C THR B 331 17.05 -3.02 -18.13
N GLY B 332 16.32 -4.08 -17.81
CA GLY B 332 15.84 -4.27 -16.45
C GLY B 332 16.97 -4.67 -15.50
N ILE B 333 17.94 -5.43 -16.00
CA ILE B 333 19.06 -5.82 -15.19
C ILE B 333 19.85 -4.57 -14.78
N GLY B 334 19.97 -3.63 -15.70
CA GLY B 334 20.66 -2.40 -15.39
C GLY B 334 19.80 -1.66 -14.39
N SER B 335 18.51 -1.52 -14.70
CA SER B 335 17.61 -0.84 -13.78
C SER B 335 17.66 -1.57 -12.44
N ALA B 336 17.92 -2.86 -12.48
CA ALA B 336 18.00 -3.63 -11.24
C ALA B 336 19.18 -3.15 -10.46
N ALA B 337 20.33 -3.13 -11.12
CA ALA B 337 21.58 -2.74 -10.50
C ALA B 337 21.52 -1.33 -9.92
N ASP B 338 20.77 -0.45 -10.58
CA ASP B 338 20.66 0.92 -10.11
C ASP B 338 19.94 0.98 -8.78
N LEU B 339 18.71 0.48 -8.75
CA LEU B 339 17.91 0.46 -7.53
C LEU B 339 18.71 -0.29 -6.48
N GLY B 340 19.43 -1.31 -6.94
CA GLY B 340 20.24 -2.12 -6.05
C GLY B 340 21.01 -1.32 -5.03
N TRP B 341 22.08 -0.65 -5.46
CA TRP B 341 22.92 0.13 -4.55
C TRP B 341 22.19 1.23 -3.80
N LYS B 342 21.28 1.91 -4.49
CA LYS B 342 20.54 2.99 -3.86
C LYS B 342 19.77 2.50 -2.64
N LEU B 343 19.14 1.33 -2.74
CA LEU B 343 18.40 0.79 -1.60
C LEU B 343 19.40 0.52 -0.47
N ALA B 344 20.56 -0.02 -0.83
CA ALA B 344 21.59 -0.34 0.15
C ALA B 344 22.11 0.90 0.86
N ALA B 345 22.32 1.97 0.09
CA ALA B 345 22.80 3.23 0.63
C ALA B 345 21.79 3.76 1.65
N THR B 346 20.51 3.72 1.27
CA THR B 346 19.43 4.19 2.12
C THR B 346 19.31 3.32 3.36
N LEU B 347 19.27 2.01 3.15
CA LEU B 347 19.16 1.06 4.26
C LEU B 347 20.32 1.25 5.24
N ARG B 348 21.47 1.70 4.73
CA ARG B 348 22.64 1.91 5.57
C ARG B 348 22.61 3.25 6.29
N GLY B 349 21.94 4.22 5.67
CA GLY B 349 21.84 5.52 6.29
C GLY B 349 22.74 6.60 5.73
N TRP B 350 23.67 6.24 4.85
CA TRP B 350 24.53 7.29 4.31
C TRP B 350 23.87 8.03 3.15
N ALA B 351 22.95 7.37 2.46
CA ALA B 351 22.26 7.99 1.33
C ALA B 351 21.40 9.16 1.79
N GLY B 352 21.33 10.19 0.97
CA GLY B 352 20.51 11.35 1.27
C GLY B 352 19.07 10.98 0.95
N PRO B 353 18.09 11.61 1.62
CA PRO B 353 16.69 11.27 1.36
C PRO B 353 16.25 11.33 -0.11
N GLY B 354 16.91 12.17 -0.91
CA GLY B 354 16.52 12.27 -2.31
C GLY B 354 17.02 11.16 -3.22
N LEU B 355 17.98 10.37 -2.75
CA LEU B 355 18.56 9.30 -3.55
C LEU B 355 17.57 8.27 -4.16
N LEU B 356 16.80 7.55 -3.35
CA LEU B 356 15.88 6.57 -3.91
C LEU B 356 15.04 7.15 -5.04
N ALA B 357 14.68 8.43 -4.90
CA ALA B 357 13.87 9.09 -5.91
C ALA B 357 14.60 9.15 -7.25
N THR B 358 15.93 9.21 -7.20
CA THR B 358 16.71 9.30 -8.43
C THR B 358 16.72 8.00 -9.24
N TYR B 359 16.04 6.97 -8.72
CA TYR B 359 15.94 5.69 -9.41
C TYR B 359 15.17 5.93 -10.71
N GLU B 360 14.02 6.60 -10.58
CA GLU B 360 13.19 6.92 -11.73
C GLU B 360 13.90 7.98 -12.58
N GLU B 361 14.44 8.99 -11.90
CA GLU B 361 15.13 10.11 -12.54
C GLU B 361 16.17 9.66 -13.54
N GLU B 362 16.85 8.56 -13.22
CA GLU B 362 17.88 8.07 -14.10
C GLU B 362 17.48 6.94 -15.04
N ARG B 363 16.70 5.98 -14.55
CA ARG B 363 16.32 4.84 -15.37
C ARG B 363 15.15 5.06 -16.31
N ARG B 364 14.10 5.72 -15.85
CA ARG B 364 12.97 5.94 -16.72
C ARG B 364 13.43 6.44 -18.10
N PRO B 365 14.37 7.41 -18.13
CA PRO B 365 14.85 7.93 -19.41
C PRO B 365 15.54 6.83 -20.24
N VAL B 366 16.39 6.03 -19.58
CA VAL B 366 17.08 4.94 -20.27
C VAL B 366 16.04 3.98 -20.87
N ALA B 367 15.06 3.64 -20.05
CA ALA B 367 13.99 2.75 -20.45
C ALA B 367 13.41 3.23 -21.76
N ILE B 368 13.12 4.53 -21.81
CA ILE B 368 12.55 5.10 -23.00
C ILE B 368 13.47 5.10 -24.22
N THR B 369 14.72 5.53 -24.07
CA THR B 369 15.60 5.52 -25.24
C THR B 369 15.85 4.08 -25.71
N SER B 370 15.80 3.13 -24.76
CA SER B 370 16.01 1.73 -25.10
C SER B 370 14.78 1.22 -25.85
N LEU B 371 13.61 1.61 -25.35
CA LEU B 371 12.36 1.20 -25.96
C LEU B 371 12.37 1.62 -27.44
N GLU B 372 12.56 2.90 -27.69
CA GLU B 372 12.59 3.44 -29.06
C GLU B 372 13.58 2.75 -30.02
N GLU B 373 14.81 2.54 -29.56
CA GLU B 373 15.82 1.90 -30.38
C GLU B 373 15.34 0.50 -30.77
N ALA B 374 14.54 -0.10 -29.89
CA ALA B 374 13.98 -1.44 -30.16
C ALA B 374 12.92 -1.31 -31.26
N ASN B 375 11.99 -0.39 -31.04
CA ASN B 375 10.93 -0.14 -32.01
C ASN B 375 11.56 0.07 -33.37
N VAL B 376 12.72 0.73 -33.42
CA VAL B 376 13.38 0.97 -34.69
C VAL B 376 13.68 -0.37 -35.35
N ASN B 377 14.29 -1.27 -34.59
CA ASN B 377 14.63 -2.59 -35.11
C ASN B 377 13.38 -3.24 -35.63
N LEU B 378 12.33 -3.16 -34.82
CA LEU B 378 11.05 -3.73 -35.17
C LEU B 378 10.62 -3.21 -36.53
N ARG B 379 10.50 -1.90 -36.66
CA ARG B 379 10.09 -1.30 -37.92
C ARG B 379 10.96 -1.72 -39.08
N ARG B 380 12.26 -1.82 -38.90
CA ARG B 380 13.12 -2.24 -40.00
C ARG B 380 12.56 -3.50 -40.66
N THR B 381 11.78 -4.26 -39.92
CA THR B 381 11.18 -5.50 -40.43
C THR B 381 9.75 -5.28 -40.90
N MET B 382 8.93 -4.74 -40.01
CA MET B 382 7.56 -4.47 -40.36
C MET B 382 7.47 -3.68 -41.67
N ASP B 383 8.44 -2.80 -41.90
CA ASP B 383 8.45 -1.98 -43.11
C ASP B 383 8.91 -2.75 -44.34
N ARG B 384 10.09 -3.36 -44.26
CA ARG B 384 10.66 -4.14 -45.36
C ARG B 384 9.58 -4.88 -46.14
N GLU B 385 9.44 -4.57 -47.42
CA GLU B 385 8.43 -5.22 -48.23
C GLU B 385 8.96 -6.48 -48.91
N LEU B 386 8.03 -7.31 -49.39
CA LEU B 386 8.38 -8.57 -50.03
C LEU B 386 7.93 -8.65 -51.49
N PRO B 387 8.87 -8.50 -52.43
CA PRO B 387 8.55 -8.55 -53.87
C PRO B 387 7.96 -9.91 -54.25
N PRO B 388 6.80 -9.91 -54.94
CA PRO B 388 6.10 -11.12 -55.39
C PRO B 388 6.95 -12.15 -56.12
N GLY B 389 8.06 -11.73 -56.71
CA GLY B 389 8.92 -12.66 -57.43
C GLY B 389 10.23 -12.98 -56.70
N LEU B 390 10.16 -13.22 -55.40
CA LEU B 390 11.35 -13.54 -54.63
C LEU B 390 11.57 -15.03 -54.47
N HIS B 391 10.55 -15.83 -54.79
CA HIS B 391 10.62 -17.28 -54.64
C HIS B 391 10.94 -18.09 -55.90
N ASP B 392 11.21 -17.41 -57.01
CA ASP B 392 11.52 -18.11 -58.26
C ASP B 392 12.87 -18.81 -58.10
N ASP B 393 13.05 -19.93 -58.79
CA ASP B 393 14.30 -20.70 -58.67
C ASP B 393 15.36 -20.50 -59.75
N GLY B 394 15.22 -19.47 -60.58
CA GLY B 394 16.21 -19.23 -61.62
C GLY B 394 16.88 -17.88 -61.54
N PRO B 395 17.94 -17.62 -62.32
CA PRO B 395 18.64 -16.32 -62.30
C PRO B 395 17.73 -15.08 -62.20
N ARG B 396 16.48 -15.19 -62.61
CA ARG B 396 15.55 -14.06 -62.50
C ARG B 396 15.38 -13.79 -61.01
N GLY B 397 14.70 -14.72 -60.33
CA GLY B 397 14.49 -14.59 -58.90
C GLY B 397 15.80 -14.47 -58.17
N GLU B 398 16.91 -14.66 -58.89
CA GLU B 398 18.23 -14.56 -58.31
C GLU B 398 18.66 -13.09 -58.28
N ARG B 399 18.17 -12.30 -59.24
CA ARG B 399 18.49 -10.88 -59.29
C ARG B 399 17.42 -10.14 -58.51
N ILE B 400 16.17 -10.59 -58.68
CA ILE B 400 15.04 -9.99 -57.99
C ILE B 400 15.22 -10.26 -56.50
N ARG B 401 16.26 -11.03 -56.18
CA ARG B 401 16.57 -11.40 -54.82
C ARG B 401 17.82 -10.68 -54.31
N ALA B 402 18.91 -10.77 -55.07
CA ALA B 402 20.16 -10.12 -54.70
C ALA B 402 19.94 -8.61 -54.66
N ALA B 403 18.73 -8.20 -55.05
CA ALA B 403 18.34 -6.80 -55.05
C ALA B 403 17.86 -6.44 -53.64
N VAL B 404 16.92 -7.22 -53.11
CA VAL B 404 16.37 -7.01 -51.76
C VAL B 404 17.52 -7.03 -50.77
N ALA B 405 18.60 -7.70 -51.17
CA ALA B 405 19.80 -7.81 -50.36
C ALA B 405 20.40 -6.42 -50.14
N GLU B 406 20.77 -5.76 -51.24
CA GLU B 406 21.37 -4.43 -51.18
C GLU B 406 20.53 -3.54 -50.27
N LYS B 407 19.22 -3.63 -50.39
CA LYS B 407 18.33 -2.83 -49.56
C LYS B 407 18.57 -3.14 -48.09
N LEU B 408 18.53 -4.43 -47.74
CA LEU B 408 18.78 -4.84 -46.36
C LEU B 408 20.14 -4.34 -45.93
N GLU B 409 21.14 -4.54 -46.80
CA GLU B 409 22.50 -4.10 -46.52
C GLU B 409 22.53 -2.61 -46.23
N ARG B 410 21.79 -1.84 -47.04
CA ARG B 410 21.76 -0.41 -46.87
C ARG B 410 20.74 0.00 -45.82
N SER B 411 19.79 -0.88 -45.53
CA SER B 411 18.78 -0.59 -44.50
C SER B 411 19.43 -0.53 -43.12
N GLY B 412 20.74 -0.73 -43.07
CA GLY B 412 21.44 -0.70 -41.80
C GLY B 412 20.75 -1.66 -40.85
N ALA B 413 20.83 -2.94 -41.19
CA ALA B 413 20.19 -3.97 -40.40
C ALA B 413 21.10 -4.64 -39.39
N ARG B 414 22.41 -4.49 -39.56
CA ARG B 414 23.34 -5.14 -38.64
C ARG B 414 23.32 -4.48 -37.28
N ARG B 415 22.71 -3.30 -37.21
CA ARG B 415 22.60 -2.56 -35.96
C ARG B 415 21.77 -3.34 -34.94
N GLU B 416 20.87 -4.19 -35.43
CA GLU B 416 19.99 -4.98 -34.56
C GLU B 416 20.76 -6.04 -33.78
N PHE B 417 22.03 -6.24 -34.13
CA PHE B 417 22.85 -7.24 -33.47
C PHE B 417 24.10 -6.62 -32.88
N ASP B 418 24.32 -5.34 -33.15
CA ASP B 418 25.48 -4.63 -32.65
C ASP B 418 25.01 -3.27 -32.14
N ALA B 419 24.75 -3.15 -30.85
CA ALA B 419 24.27 -1.88 -30.31
C ALA B 419 25.01 -1.40 -29.06
N PRO B 420 26.35 -1.39 -29.10
CA PRO B 420 27.13 -0.96 -27.93
C PRO B 420 26.60 0.35 -27.37
N GLY B 421 25.99 1.14 -28.23
CA GLY B 421 25.42 2.38 -27.77
C GLY B 421 24.37 2.12 -26.71
N ILE B 422 23.33 1.36 -27.07
CA ILE B 422 22.26 1.04 -26.13
C ILE B 422 22.76 0.34 -24.86
N HIS B 423 23.72 -0.58 -25.01
CA HIS B 423 24.24 -1.32 -23.87
C HIS B 423 25.20 -0.52 -22.99
N PHE B 424 26.23 0.06 -23.59
CA PHE B 424 27.22 0.82 -22.84
C PHE B 424 27.01 2.33 -22.81
N GLY B 425 26.21 2.84 -23.74
CA GLY B 425 25.96 4.28 -23.82
C GLY B 425 25.34 4.94 -22.59
N HIS B 426 24.03 5.18 -22.66
CA HIS B 426 23.26 5.81 -21.59
C HIS B 426 24.09 6.62 -20.62
N THR B 427 23.96 7.93 -20.69
CA THR B 427 24.69 8.78 -19.76
C THR B 427 23.66 9.41 -18.84
N TYR B 428 23.74 9.16 -17.54
CA TYR B 428 22.76 9.77 -16.66
C TYR B 428 23.07 11.26 -16.60
N ARG B 429 22.01 12.05 -16.52
CA ARG B 429 22.10 13.51 -16.45
C ARG B 429 21.11 13.84 -15.36
N SER B 430 21.53 13.78 -14.10
CA SER B 430 20.58 14.03 -13.02
C SER B 430 21.07 14.78 -11.79
N SER B 431 20.12 15.00 -10.89
CA SER B 431 20.32 15.71 -9.64
C SER B 431 21.52 15.28 -8.83
N ILE B 432 22.08 14.11 -9.09
CA ILE B 432 23.25 13.66 -8.35
C ILE B 432 24.49 13.50 -9.24
N VAL B 433 24.44 14.07 -10.42
CA VAL B 433 25.54 13.96 -11.36
C VAL B 433 26.06 15.35 -11.70
N CYS B 434 27.38 15.54 -11.55
CA CYS B 434 27.99 16.81 -11.89
C CYS B 434 28.25 16.78 -13.39
N GLY B 435 27.20 17.02 -14.17
CA GLY B 435 27.33 16.99 -15.62
C GLY B 435 28.26 18.03 -16.21
N GLU B 436 28.86 17.69 -17.35
CA GLU B 436 29.75 18.61 -18.06
C GLU B 436 28.82 19.33 -19.07
N PRO B 437 29.37 20.20 -19.92
CA PRO B 437 28.54 20.92 -20.91
C PRO B 437 27.21 20.25 -21.25
N ALA B 442 25.13 14.29 -29.18
CA ALA B 442 24.76 13.35 -30.23
C ALA B 442 25.78 13.37 -31.38
N THR B 443 26.42 12.22 -31.61
CA THR B 443 27.41 12.10 -32.69
C THR B 443 27.08 10.85 -33.53
N GLY B 444 28.04 10.38 -34.31
CA GLY B 444 27.83 9.21 -35.14
C GLY B 444 28.77 8.07 -34.77
N GLY B 445 28.32 7.20 -33.88
CA GLY B 445 29.14 6.08 -33.44
C GLY B 445 29.54 6.23 -31.98
N TRP B 446 29.03 5.34 -31.13
CA TRP B 446 29.34 5.37 -29.72
C TRP B 446 30.84 5.16 -29.46
N ARG B 447 31.35 5.81 -28.42
CA ARG B 447 32.75 5.68 -28.06
C ARG B 447 32.82 5.85 -26.56
N PRO B 448 33.66 5.04 -25.89
CA PRO B 448 33.82 5.11 -24.44
C PRO B 448 34.17 6.50 -23.90
N SER B 449 33.43 6.93 -22.89
CA SER B 449 33.66 8.22 -22.26
C SER B 449 33.77 8.00 -20.77
N ALA B 450 34.21 9.02 -20.06
CA ALA B 450 34.35 8.95 -18.62
C ALA B 450 33.58 10.14 -18.09
N ARG B 451 32.93 10.85 -19.00
CA ARG B 451 32.17 12.02 -18.64
C ARG B 451 31.14 11.64 -17.58
N PRO B 452 30.85 12.55 -16.65
CA PRO B 452 29.88 12.28 -15.59
C PRO B 452 28.54 11.74 -16.13
N GLY B 453 28.00 10.75 -15.43
CA GLY B 453 26.73 10.17 -15.82
C GLY B 453 26.88 8.93 -16.67
N ALA B 454 28.09 8.73 -17.18
CA ALA B 454 28.39 7.59 -18.03
C ALA B 454 29.03 6.42 -17.29
N ARG B 455 29.09 5.28 -17.95
CA ARG B 455 29.70 4.09 -17.38
C ARG B 455 31.21 4.21 -17.57
N ALA B 456 31.95 4.28 -16.47
CA ALA B 456 33.41 4.35 -16.54
C ALA B 456 33.82 3.31 -17.58
N PRO B 457 34.62 3.72 -18.57
CA PRO B 457 35.08 2.82 -19.63
C PRO B 457 36.01 1.72 -19.18
N HIS B 458 36.10 0.67 -19.99
CA HIS B 458 36.96 -0.47 -19.70
C HIS B 458 38.40 -0.28 -20.19
N ALA B 459 39.33 -0.89 -19.46
CA ALA B 459 40.75 -0.84 -19.80
C ALA B 459 41.48 -1.78 -18.85
N TRP B 460 42.45 -2.53 -19.36
CA TRP B 460 43.18 -3.46 -18.49
C TRP B 460 44.24 -2.83 -17.60
N LEU B 461 44.15 -3.12 -16.30
CA LEU B 461 45.11 -2.65 -15.30
C LEU B 461 46.16 -3.75 -15.19
N THR B 462 45.70 -4.98 -15.42
CA THR B 462 46.52 -6.16 -15.39
C THR B 462 45.84 -7.01 -16.45
N PRO B 463 46.59 -7.82 -17.20
CA PRO B 463 45.91 -8.63 -18.21
C PRO B 463 44.73 -9.40 -17.58
N THR B 464 44.67 -9.37 -16.25
CA THR B 464 43.64 -10.06 -15.48
C THR B 464 42.72 -9.11 -14.74
N THR B 465 43.03 -7.82 -14.74
CA THR B 465 42.18 -6.87 -14.02
C THR B 465 41.68 -5.70 -14.83
N SER B 466 40.36 -5.59 -14.95
CA SER B 466 39.74 -4.49 -15.67
C SER B 466 39.38 -3.36 -14.72
N THR B 467 39.42 -2.14 -15.23
CA THR B 467 39.09 -1.00 -14.40
C THR B 467 37.69 -1.26 -13.86
N LEU B 468 36.90 -1.96 -14.68
CA LEU B 468 35.53 -2.30 -14.32
C LEU B 468 35.49 -3.07 -13.01
N ASP B 469 36.56 -3.79 -12.72
CA ASP B 469 36.63 -4.60 -11.50
C ASP B 469 36.84 -3.82 -10.20
N LEU B 470 37.19 -2.56 -10.28
CA LEU B 470 37.39 -1.81 -9.05
C LEU B 470 36.05 -1.29 -8.55
N PHE B 471 35.07 -1.20 -9.46
CA PHE B 471 33.75 -0.68 -9.12
C PHE B 471 32.71 -1.74 -8.76
N GLY B 472 31.67 -1.32 -8.04
CA GLY B 472 30.62 -2.24 -7.67
C GLY B 472 30.23 -2.15 -6.21
N ARG B 473 31.23 -1.99 -5.36
CA ARG B 473 31.04 -1.89 -3.92
C ARG B 473 30.56 -0.49 -3.50
N GLY B 474 31.50 0.37 -3.12
CA GLY B 474 31.12 1.71 -2.73
C GLY B 474 31.52 2.71 -3.81
N PHE B 475 31.92 3.90 -3.39
CA PHE B 475 32.35 4.91 -4.35
C PHE B 475 33.83 4.63 -4.55
N VAL B 476 34.35 5.07 -5.69
CA VAL B 476 35.76 4.87 -5.98
C VAL B 476 36.34 6.11 -6.66
N LEU B 477 37.51 6.52 -6.20
CA LEU B 477 38.17 7.69 -6.76
C LEU B 477 39.46 7.27 -7.42
N LEU B 478 39.50 7.40 -8.74
CA LEU B 478 40.70 7.05 -9.49
C LEU B 478 41.51 8.32 -9.69
N SER B 479 42.79 8.25 -9.36
CA SER B 479 43.68 9.39 -9.54
C SER B 479 44.80 8.90 -10.47
N PHE B 480 44.86 9.48 -11.66
CA PHE B 480 45.86 9.10 -12.65
C PHE B 480 47.24 9.74 -12.45
N GLY B 481 47.27 10.93 -11.90
CA GLY B 481 48.54 11.58 -11.68
C GLY B 481 48.83 11.76 -10.22
N THR B 482 48.81 13.02 -9.81
CA THR B 482 49.07 13.40 -8.43
C THR B 482 48.10 12.73 -7.45
N THR B 483 48.59 12.53 -6.22
CA THR B 483 47.80 11.94 -5.15
C THR B 483 47.47 13.11 -4.21
N ASP B 484 47.70 14.31 -4.73
CA ASP B 484 47.49 15.56 -4.01
C ASP B 484 46.04 15.89 -3.66
N GLY B 485 45.77 16.04 -2.37
CA GLY B 485 44.42 16.39 -1.93
C GLY B 485 43.44 15.24 -1.80
N VAL B 486 43.90 14.02 -2.06
CA VAL B 486 43.03 12.88 -1.96
C VAL B 486 42.66 12.59 -0.49
N GLU B 487 43.58 12.90 0.42
CA GLU B 487 43.33 12.69 1.84
C GLU B 487 42.13 13.50 2.27
N ALA B 488 42.02 14.70 1.74
CA ALA B 488 40.89 15.58 2.05
C ALA B 488 39.59 14.91 1.61
N VAL B 489 39.64 14.28 0.43
CA VAL B 489 38.50 13.59 -0.12
C VAL B 489 38.13 12.41 0.76
N THR B 490 39.15 11.66 1.18
CA THR B 490 38.94 10.51 2.04
C THR B 490 38.16 10.95 3.28
N ARG B 491 38.68 11.98 3.94
CA ARG B 491 38.05 12.51 5.13
C ARG B 491 36.60 12.95 4.87
N ALA B 492 36.40 13.70 3.78
CA ALA B 492 35.08 14.18 3.40
C ALA B 492 34.05 13.05 3.44
N PHE B 493 34.30 12.00 2.65
CA PHE B 493 33.39 10.87 2.61
C PHE B 493 33.25 10.26 4.00
N ALA B 494 34.40 10.08 4.65
CA ALA B 494 34.43 9.52 5.99
C ALA B 494 33.39 10.16 6.91
N ASP B 495 33.37 11.48 6.92
CA ASP B 495 32.43 12.22 7.75
C ASP B 495 30.97 11.81 7.56
N ARG B 496 30.49 11.80 6.32
CA ARG B 496 29.10 11.40 6.06
C ARG B 496 28.91 9.90 6.07
N HIS B 497 29.97 9.16 6.38
CA HIS B 497 29.89 7.70 6.43
C HIS B 497 29.56 7.13 5.06
N VAL B 498 30.13 7.72 4.03
CA VAL B 498 29.90 7.23 2.68
C VAL B 498 31.12 6.40 2.32
N PRO B 499 30.91 5.11 1.97
CA PRO B 499 32.02 4.23 1.60
C PRO B 499 32.73 4.74 0.36
N LEU B 500 34.05 4.89 0.48
CA LEU B 500 34.89 5.36 -0.60
C LEU B 500 36.21 4.61 -0.60
N GLU B 501 36.74 4.39 -1.80
CA GLU B 501 38.02 3.73 -1.99
C GLU B 501 38.79 4.57 -2.97
N THR B 502 40.09 4.66 -2.75
CA THR B 502 40.94 5.44 -3.62
C THR B 502 41.98 4.52 -4.25
N VAL B 503 42.04 4.53 -5.57
CA VAL B 503 43.00 3.72 -6.29
C VAL B 503 43.89 4.69 -7.07
N THR B 504 45.20 4.53 -6.94
CA THR B 504 46.13 5.41 -7.63
C THR B 504 46.65 4.66 -8.83
N CYS B 505 46.17 5.02 -10.00
CA CYS B 505 46.59 4.34 -11.22
C CYS B 505 47.78 5.03 -11.88
N HIS B 506 48.60 4.26 -12.58
CA HIS B 506 49.77 4.81 -13.27
C HIS B 506 49.87 4.47 -14.75
N ALA B 507 48.73 4.24 -15.39
CA ALA B 507 48.74 3.90 -16.79
C ALA B 507 48.37 5.08 -17.69
N PRO B 508 49.36 5.64 -18.39
CA PRO B 508 49.13 6.79 -19.27
C PRO B 508 48.02 6.57 -20.32
N GLU B 509 47.90 5.36 -20.84
CA GLU B 509 46.86 5.06 -21.83
C GLU B 509 45.48 5.26 -21.19
N ILE B 510 45.28 4.66 -20.00
CA ILE B 510 44.01 4.77 -19.31
C ILE B 510 43.78 6.20 -18.83
N HIS B 511 44.86 6.90 -18.48
CA HIS B 511 44.78 8.29 -18.05
C HIS B 511 44.13 9.04 -19.21
N ALA B 512 44.54 8.70 -20.42
CA ALA B 512 44.02 9.32 -21.64
C ALA B 512 42.55 8.97 -21.82
N LEU B 513 42.24 7.69 -21.65
CA LEU B 513 40.87 7.25 -21.81
C LEU B 513 39.95 8.03 -20.89
N TYR B 514 40.37 8.21 -19.64
CA TYR B 514 39.55 8.94 -18.68
C TYR B 514 39.65 10.47 -18.79
N GLU B 515 40.70 10.94 -19.47
CA GLU B 515 40.91 12.38 -19.67
C GLU B 515 41.28 13.18 -18.41
N ARG B 516 40.35 13.43 -17.50
CA ARG B 516 40.71 14.18 -16.30
C ARG B 516 41.65 13.40 -15.39
N ALA B 517 42.24 14.10 -14.43
CA ALA B 517 43.19 13.49 -13.50
C ALA B 517 42.54 12.82 -12.31
N HIS B 518 41.33 13.26 -11.96
CA HIS B 518 40.58 12.66 -10.86
C HIS B 518 39.19 12.28 -11.35
N VAL B 519 38.85 11.00 -11.18
CA VAL B 519 37.55 10.50 -11.59
C VAL B 519 36.87 9.77 -10.43
N LEU B 520 35.67 10.25 -10.08
CA LEU B 520 34.90 9.67 -9.00
C LEU B 520 33.79 8.78 -9.57
N VAL B 521 33.97 7.47 -9.44
CA VAL B 521 32.97 6.54 -9.94
C VAL B 521 32.00 6.19 -8.80
N ARG B 522 30.74 5.94 -9.15
CA ARG B 522 29.72 5.59 -8.15
C ARG B 522 29.67 4.09 -7.92
N PRO B 523 28.89 3.65 -6.93
CA PRO B 523 28.77 2.22 -6.64
C PRO B 523 28.16 1.45 -7.81
N ASP B 524 27.45 2.15 -8.69
CA ASP B 524 26.81 1.50 -9.83
C ASP B 524 27.76 1.42 -11.02
N GLY B 525 28.94 2.02 -10.87
CA GLY B 525 29.93 1.99 -11.93
C GLY B 525 29.96 3.18 -12.87
N HIS B 526 29.10 4.16 -12.64
CA HIS B 526 29.05 5.34 -13.48
C HIS B 526 29.78 6.51 -12.81
N VAL B 527 30.41 7.34 -13.62
CA VAL B 527 31.14 8.50 -13.13
C VAL B 527 30.18 9.54 -12.56
N ALA B 528 30.55 10.14 -11.44
CA ALA B 528 29.74 11.16 -10.81
C ALA B 528 30.40 12.54 -10.93
N TRP B 529 31.72 12.53 -11.09
CA TRP B 529 32.49 13.76 -11.20
C TRP B 529 33.87 13.45 -11.73
N ARG B 530 34.45 14.39 -12.46
CA ARG B 530 35.81 14.23 -12.96
C ARG B 530 36.42 15.58 -13.21
N GLY B 531 37.69 15.73 -12.84
CA GLY B 531 38.38 16.99 -13.04
C GLY B 531 39.86 16.91 -12.73
N ASP B 532 40.65 17.76 -13.39
CA ASP B 532 42.08 17.76 -13.15
C ASP B 532 42.37 18.32 -11.77
N HIS B 533 41.39 18.98 -11.17
CA HIS B 533 41.54 19.55 -9.84
C HIS B 533 40.30 19.23 -9.01
N LEU B 534 40.52 18.77 -7.77
CA LEU B 534 39.41 18.44 -6.88
C LEU B 534 38.66 19.70 -6.47
N PRO B 535 37.37 19.58 -6.15
CA PRO B 535 36.62 20.78 -5.74
C PRO B 535 37.12 21.27 -4.40
N ALA B 536 36.79 22.51 -4.08
CA ALA B 536 37.20 23.10 -2.82
C ALA B 536 36.21 22.65 -1.74
N GLU B 537 34.93 22.75 -2.09
CA GLU B 537 33.86 22.39 -1.19
C GLU B 537 33.61 20.90 -1.33
N LEU B 538 34.41 20.09 -0.65
CA LEU B 538 34.24 18.65 -0.73
C LEU B 538 32.92 18.20 -0.14
N GLY B 539 32.61 18.70 1.05
CA GLY B 539 31.36 18.34 1.69
C GLY B 539 30.21 18.50 0.73
N GLY B 540 30.18 19.64 0.05
CA GLY B 540 29.12 19.86 -0.91
C GLY B 540 29.08 18.69 -1.86
N LEU B 541 30.22 18.45 -2.52
CA LEU B 541 30.34 17.34 -3.46
C LEU B 541 29.63 16.08 -2.96
N VAL B 542 30.16 15.50 -1.88
CA VAL B 542 29.61 14.28 -1.29
C VAL B 542 28.10 14.36 -1.13
N ASP B 543 27.63 15.39 -0.44
CA ASP B 543 26.20 15.54 -0.23
C ASP B 543 25.41 15.62 -1.53
N LYS B 544 26.10 15.88 -2.64
CA LYS B 544 25.40 15.95 -3.92
C LYS B 544 25.23 14.58 -4.55
N VAL B 545 26.34 13.86 -4.65
CA VAL B 545 26.36 12.53 -5.26
C VAL B 545 25.58 11.47 -4.50
N ARG B 546 25.37 11.68 -3.20
CA ARG B 546 24.62 10.71 -2.40
C ARG B 546 23.16 11.13 -2.23
N GLY B 547 22.72 12.06 -3.07
CA GLY B 547 21.33 12.55 -3.03
C GLY B 547 20.94 13.34 -1.80
N ALA B 548 21.93 13.97 -1.17
CA ALA B 548 21.69 14.77 0.05
C ALA B 548 21.37 16.22 -0.27
N ALA B 549 22.02 16.75 -1.30
CA ALA B 549 21.78 18.14 -1.69
C ALA B 549 20.35 18.27 -2.22
#